data_8QLG
#
_entry.id   8QLG
#
_cell.length_a   52.038
_cell.length_b   67.089
_cell.length_c   109.448
_cell.angle_alpha   84.050
_cell.angle_beta   87.260
_cell.angle_gamma   71.720
#
_symmetry.space_group_name_H-M   'P 1'
#
loop_
_entity.id
_entity.type
_entity.pdbx_description
1 polymer AliD
2 polymer 'Peptide 1'
3 non-polymer 'ZINC ION'
4 water water
#
loop_
_entity_poly.entity_id
_entity_poly.type
_entity_poly.pdbx_seq_one_letter_code
_entity_poly.pdbx_strand_id
1 'polypeptide(L)'
;ASSDTKTYSSTFSGNPTTFNYLLDYYADNTAIITNLVDGLLENDNHGNLVPSLAEDWSVSSDGLTYTYKLRKDAKWFTAD
GEEYSPVKAQDFVTGIKYAVDNKSQAIDLIQNSIKGLNDYITGADSDFSKVGVKAIDDQTVEYTLARPEPYWNSKTTNSI
LFPVNEEFLNSKGKDFGTLSPDSILYSGPYLLKDFTSKSSIEYVKNPHYYDHDKVSIEHVKLAYFDGSDQELTIRNFESG
AYSIAGVYPNSSNFAKTKEKYKDNIVYSLQDKTSWYFNFNVNRKAYNHTSKTTDEQKKSTETAVLNKNFRQAVNFALDRT
AYSAQSNGEEAASKTLLNTLVPPTFVQVGDKTFGEVVASKLVNYGTEWSGINLADAQDAYFNKEKAQAKFAEAKKELTSQ
GVTFPIHLDVAVDQTSKNAVTGMNSVKQTLESVLGSDNIVIDVQQLSTDDFNNVAFLAPTAADRDYDFNFDGWVGDYQDP
STYLNPFNAEDGFYLKIFGLDAKEDKEKITSLGLDTYTKMLKDADRENKDVAKRYEKYAEAQAWMIDNSLIMSAMSSGGT
ASVTKVTPFTRGYSLVGIKGDGNNYKYMKLQKDTVTTKQFEEAKSKWEQESKKAIEKAQKEAEKHVK
;
A,B
2 'polypeptide(L)' FPPQSV E,C
#
# COMPACT_ATOMS: atom_id res chain seq x y z
N ASP A 4 -29.84 0.01 -32.93
CA ASP A 4 -30.96 -0.13 -32.01
C ASP A 4 -30.62 -1.03 -30.83
N THR A 5 -31.63 -1.32 -30.01
CA THR A 5 -31.49 -2.29 -28.92
C THR A 5 -31.47 -3.73 -29.42
N LYS A 6 -31.57 -3.95 -30.72
CA LYS A 6 -31.61 -5.28 -31.29
C LYS A 6 -30.26 -5.73 -31.85
N THR A 7 -29.26 -4.85 -31.87
CA THR A 7 -27.96 -5.17 -32.46
C THR A 7 -26.87 -4.90 -31.45
N TYR A 8 -26.15 -5.95 -31.06
CA TYR A 8 -24.97 -5.82 -30.22
C TYR A 8 -23.75 -5.75 -31.13
N SER A 9 -23.05 -4.62 -31.11
CA SER A 9 -21.84 -4.42 -31.90
C SER A 9 -20.66 -4.19 -30.97
N SER A 10 -19.61 -4.99 -31.15
CA SER A 10 -18.43 -4.88 -30.31
C SER A 10 -17.26 -5.51 -31.05
N THR A 11 -16.25 -5.94 -30.30
CA THR A 11 -15.01 -6.48 -30.87
C THR A 11 -14.74 -7.87 -30.32
N PHE A 12 -13.86 -8.59 -31.03
CA PHE A 12 -13.29 -9.82 -30.52
C PHE A 12 -11.80 -9.82 -30.82
N SER A 13 -11.03 -10.38 -29.89
CA SER A 13 -9.57 -10.38 -29.99
C SER A 13 -8.96 -11.76 -30.12
N GLY A 14 -9.73 -12.82 -29.88
CA GLY A 14 -9.19 -14.16 -30.03
C GLY A 14 -9.07 -14.56 -31.49
N ASN A 15 -8.42 -15.70 -31.68
CA ASN A 15 -8.29 -16.34 -33.00
C ASN A 15 -8.89 -17.73 -32.88
N PRO A 16 -10.20 -17.87 -33.11
CA PRO A 16 -10.80 -19.22 -33.09
C PRO A 16 -10.15 -20.12 -34.14
N THR A 17 -9.94 -21.37 -33.75
CA THR A 17 -9.27 -22.33 -34.61
C THR A 17 -10.17 -23.48 -35.07
N THR A 18 -11.28 -23.74 -34.36
CA THR A 18 -12.14 -24.85 -34.71
C THR A 18 -13.48 -24.68 -34.01
N PHE A 19 -14.55 -25.07 -34.71
CA PHE A 19 -15.88 -25.14 -34.13
C PHE A 19 -16.22 -26.55 -33.66
N ASN A 20 -15.24 -27.44 -33.60
CA ASN A 20 -15.43 -28.81 -33.12
C ASN A 20 -15.53 -28.75 -31.60
N TYR A 21 -16.74 -28.50 -31.11
CA TYR A 21 -16.95 -28.27 -29.68
C TYR A 21 -16.80 -29.53 -28.84
N LEU A 22 -16.74 -30.70 -29.47
CA LEU A 22 -16.54 -31.94 -28.72
C LEU A 22 -15.07 -32.27 -28.50
N LEU A 23 -14.17 -31.77 -29.35
CA LEU A 23 -12.75 -32.10 -29.27
C LEU A 23 -11.89 -30.97 -28.74
N ASP A 24 -12.38 -29.73 -28.75
CA ASP A 24 -11.59 -28.57 -28.37
C ASP A 24 -12.39 -27.74 -27.36
N TYR A 25 -11.71 -27.31 -26.30
CA TYR A 25 -12.40 -26.51 -25.28
C TYR A 25 -11.62 -25.26 -24.91
N TYR A 26 -10.77 -24.76 -25.82
CA TYR A 26 -10.20 -23.43 -25.67
C TYR A 26 -11.31 -22.38 -25.74
N ALA A 27 -11.22 -21.37 -24.88
CA ALA A 27 -12.34 -20.43 -24.73
C ALA A 27 -12.55 -19.59 -25.98
N ASP A 28 -11.49 -19.33 -26.76
CA ASP A 28 -11.66 -18.59 -28.01
C ASP A 28 -12.66 -19.28 -28.93
N ASN A 29 -12.76 -20.60 -28.86
CA ASN A 29 -13.71 -21.36 -29.66
C ASN A 29 -15.07 -21.47 -28.99
N THR A 30 -15.10 -21.87 -27.71
CA THR A 30 -16.38 -22.08 -27.03
C THR A 30 -17.11 -20.78 -26.74
N ALA A 31 -16.41 -19.64 -26.71
CA ALA A 31 -17.10 -18.37 -26.59
C ALA A 31 -17.99 -18.09 -27.79
N ILE A 32 -17.69 -18.69 -28.94
CA ILE A 32 -18.58 -18.66 -30.08
C ILE A 32 -19.62 -19.78 -30.01
N ILE A 33 -19.15 -20.98 -29.67
CA ILE A 33 -20.00 -22.17 -29.68
C ILE A 33 -21.19 -22.00 -28.73
N THR A 34 -20.97 -21.33 -27.60
CA THR A 34 -22.01 -21.24 -26.57
C THR A 34 -23.28 -20.55 -27.07
N ASN A 35 -23.17 -19.69 -28.09
CA ASN A 35 -24.34 -19.05 -28.66
C ASN A 35 -25.01 -19.89 -29.74
N LEU A 36 -24.36 -20.96 -30.19
CA LEU A 36 -24.84 -21.75 -31.31
C LEU A 36 -25.31 -23.14 -30.92
N VAL A 37 -24.78 -23.71 -29.84
CA VAL A 37 -25.13 -25.06 -29.41
C VAL A 37 -25.49 -25.03 -27.94
N ASP A 38 -26.66 -25.60 -27.61
CA ASP A 38 -27.10 -25.73 -26.23
C ASP A 38 -26.81 -27.12 -25.71
N GLY A 39 -26.57 -27.22 -24.40
CA GLY A 39 -26.43 -28.48 -23.72
C GLY A 39 -27.65 -28.80 -22.88
N LEU A 40 -27.45 -29.69 -21.91
CA LEU A 40 -28.56 -30.06 -21.03
C LEU A 40 -29.02 -28.89 -20.18
N LEU A 41 -28.08 -28.13 -19.62
CA LEU A 41 -28.39 -27.05 -18.70
C LEU A 41 -27.65 -25.79 -19.11
N GLU A 42 -28.06 -24.67 -18.52
CA GLU A 42 -27.40 -23.37 -18.69
C GLU A 42 -27.48 -22.63 -17.37
N ASN A 43 -27.18 -21.34 -17.39
CA ASN A 43 -27.13 -20.54 -16.18
C ASN A 43 -28.08 -19.35 -16.28
N ASP A 44 -28.78 -19.06 -15.20
CA ASP A 44 -29.53 -17.82 -15.12
C ASP A 44 -28.58 -16.67 -14.76
N ASN A 45 -29.14 -15.47 -14.59
CA ASN A 45 -28.30 -14.32 -14.29
C ASN A 45 -27.79 -14.30 -12.86
N HIS A 46 -28.23 -15.23 -12.01
CA HIS A 46 -27.78 -15.28 -10.62
C HIS A 46 -26.72 -16.34 -10.37
N GLY A 47 -26.43 -17.19 -11.34
CA GLY A 47 -25.46 -18.25 -11.18
C GLY A 47 -26.04 -19.63 -11.01
N ASN A 48 -27.36 -19.75 -10.90
CA ASN A 48 -27.98 -21.05 -10.76
C ASN A 48 -27.95 -21.82 -12.08
N LEU A 49 -27.96 -23.14 -11.97
CA LEU A 49 -28.17 -23.98 -13.15
C LEU A 49 -29.66 -24.08 -13.44
N VAL A 50 -30.03 -23.86 -14.69
CA VAL A 50 -31.43 -23.85 -15.09
C VAL A 50 -31.59 -24.74 -16.32
N PRO A 51 -32.82 -25.15 -16.63
CA PRO A 51 -33.03 -26.01 -17.80
C PRO A 51 -32.52 -25.37 -19.08
N SER A 52 -32.02 -26.23 -19.97
CA SER A 52 -31.68 -25.83 -21.34
C SER A 52 -32.36 -26.79 -22.30
N LEU A 53 -31.61 -27.72 -22.88
CA LEU A 53 -32.25 -28.77 -23.67
C LEU A 53 -33.04 -29.72 -22.78
N ALA A 54 -32.54 -29.98 -21.57
CA ALA A 54 -33.27 -30.78 -20.60
C ALA A 54 -34.28 -29.90 -19.86
N GLU A 55 -35.56 -30.24 -19.96
CA GLU A 55 -36.58 -29.53 -19.22
C GLU A 55 -36.79 -30.07 -17.81
N ASP A 56 -36.29 -31.27 -17.53
CA ASP A 56 -36.37 -31.85 -16.20
C ASP A 56 -35.20 -32.80 -16.02
N TRP A 57 -34.86 -33.06 -14.76
CA TRP A 57 -33.75 -33.97 -14.46
C TRP A 57 -33.98 -34.61 -13.09
N SER A 58 -33.33 -35.75 -12.89
CA SER A 58 -33.39 -36.46 -11.62
C SER A 58 -32.05 -37.10 -11.34
N VAL A 59 -31.75 -37.28 -10.06
CA VAL A 59 -30.57 -38.00 -9.60
C VAL A 59 -31.02 -39.04 -8.60
N SER A 60 -30.40 -40.22 -8.65
CA SER A 60 -30.77 -41.29 -7.74
C SER A 60 -30.28 -40.97 -6.32
N SER A 61 -30.80 -41.73 -5.35
CA SER A 61 -30.45 -41.47 -3.96
C SER A 61 -28.97 -41.70 -3.70
N ASP A 62 -28.37 -42.68 -4.37
CA ASP A 62 -26.94 -42.93 -4.22
C ASP A 62 -26.08 -41.97 -5.04
N GLY A 63 -26.70 -41.04 -5.77
CA GLY A 63 -25.96 -40.03 -6.51
C GLY A 63 -25.21 -40.55 -7.71
N LEU A 64 -25.53 -41.75 -8.19
CA LEU A 64 -24.78 -42.36 -9.28
C LEU A 64 -25.48 -42.28 -10.63
N THR A 65 -26.78 -42.01 -10.67
CA THR A 65 -27.55 -42.05 -11.91
C THR A 65 -28.25 -40.72 -12.10
N TYR A 66 -27.85 -39.97 -13.13
CA TYR A 66 -28.48 -38.73 -13.52
C TYR A 66 -29.30 -38.97 -14.78
N THR A 67 -30.57 -38.58 -14.75
CA THR A 67 -31.48 -38.74 -15.88
C THR A 67 -32.03 -37.38 -16.28
N TYR A 68 -32.00 -37.12 -17.57
CA TYR A 68 -32.42 -35.84 -18.15
C TYR A 68 -33.56 -36.08 -19.15
N LYS A 69 -34.56 -35.24 -19.09
CA LYS A 69 -35.71 -35.32 -20.02
C LYS A 69 -35.58 -34.18 -21.03
N LEU A 70 -35.43 -34.52 -22.31
CA LEU A 70 -35.26 -33.51 -23.34
C LEU A 70 -36.62 -32.95 -23.76
N ARG A 71 -36.73 -31.62 -23.81
CA ARG A 71 -37.95 -31.00 -24.30
C ARG A 71 -38.12 -31.33 -25.78
N LYS A 72 -39.37 -31.56 -26.18
CA LYS A 72 -39.63 -32.09 -27.52
C LYS A 72 -39.54 -31.05 -28.63
N ASP A 73 -39.51 -29.76 -28.29
CA ASP A 73 -39.31 -28.73 -29.31
C ASP A 73 -37.84 -28.32 -29.44
N ALA A 74 -36.92 -29.17 -29.02
CA ALA A 74 -35.50 -28.94 -29.22
C ALA A 74 -35.09 -29.51 -30.56
N LYS A 75 -34.51 -28.68 -31.43
CA LYS A 75 -34.25 -29.06 -32.80
C LYS A 75 -32.83 -28.68 -33.21
N TRP A 76 -32.30 -29.45 -34.17
CA TRP A 76 -31.07 -29.09 -34.87
C TRP A 76 -31.42 -28.29 -36.12
N PHE A 77 -30.68 -27.21 -36.34
CA PHE A 77 -30.85 -26.39 -37.54
C PHE A 77 -29.53 -26.31 -38.30
N THR A 78 -29.64 -26.17 -39.62
CA THR A 78 -28.46 -25.84 -40.40
C THR A 78 -28.16 -24.35 -40.28
N ALA A 79 -27.00 -23.95 -40.81
CA ALA A 79 -26.57 -22.56 -40.68
C ALA A 79 -27.55 -21.59 -41.31
N ASP A 80 -28.25 -22.01 -42.38
CA ASP A 80 -29.22 -21.15 -43.02
C ASP A 80 -30.53 -21.06 -42.24
N GLY A 81 -30.70 -21.84 -41.19
CA GLY A 81 -31.87 -21.78 -40.35
C GLY A 81 -32.89 -22.87 -40.59
N GLU A 82 -32.70 -23.70 -41.61
CA GLU A 82 -33.63 -24.78 -41.88
C GLU A 82 -33.48 -25.88 -40.85
N GLU A 83 -34.60 -26.44 -40.41
CA GLU A 83 -34.56 -27.52 -39.44
C GLU A 83 -33.99 -28.78 -40.07
N TYR A 84 -33.02 -29.40 -39.38
CA TYR A 84 -32.42 -30.65 -39.80
C TYR A 84 -33.08 -31.86 -39.18
N SER A 85 -33.30 -31.82 -37.86
CA SER A 85 -33.76 -32.96 -37.10
C SER A 85 -34.07 -32.52 -35.67
N PRO A 86 -35.12 -33.07 -35.05
CA PRO A 86 -35.29 -32.85 -33.61
C PRO A 86 -34.13 -33.45 -32.84
N VAL A 87 -33.72 -32.78 -31.77
CA VAL A 87 -32.68 -33.31 -30.91
C VAL A 87 -33.21 -34.54 -30.19
N LYS A 88 -32.43 -35.62 -30.19
CA LYS A 88 -32.81 -36.87 -29.55
C LYS A 88 -31.74 -37.28 -28.56
N ALA A 89 -32.12 -38.13 -27.61
CA ALA A 89 -31.23 -38.50 -26.52
C ALA A 89 -29.99 -39.23 -27.04
N GLN A 90 -30.11 -39.96 -28.15
CA GLN A 90 -28.97 -40.66 -28.72
C GLN A 90 -27.85 -39.70 -29.12
N ASP A 91 -28.18 -38.43 -29.40
CA ASP A 91 -27.16 -37.46 -29.77
C ASP A 91 -26.18 -37.22 -28.64
N PHE A 92 -26.61 -37.42 -27.38
CA PHE A 92 -25.69 -37.28 -26.26
C PHE A 92 -24.79 -38.50 -26.10
N VAL A 93 -25.28 -39.68 -26.51
CA VAL A 93 -24.41 -40.85 -26.57
C VAL A 93 -23.38 -40.68 -27.69
N THR A 94 -23.82 -40.17 -28.84
CA THR A 94 -22.90 -39.93 -29.94
C THR A 94 -21.82 -38.94 -29.55
N GLY A 95 -22.18 -37.90 -28.79
CA GLY A 95 -21.21 -36.91 -28.39
C GLY A 95 -20.08 -37.50 -27.55
N ILE A 96 -20.43 -38.31 -26.55
CA ILE A 96 -19.43 -38.89 -25.67
C ILE A 96 -18.50 -39.82 -26.45
N LYS A 97 -19.09 -40.69 -27.29
CA LYS A 97 -18.27 -41.66 -28.01
C LYS A 97 -17.33 -40.96 -28.99
N TYR A 98 -17.82 -39.96 -29.72
CA TYR A 98 -16.97 -39.24 -30.67
C TYR A 98 -15.88 -38.48 -29.95
N ALA A 99 -16.21 -37.81 -28.84
CA ALA A 99 -15.21 -37.05 -28.09
C ALA A 99 -14.14 -37.98 -27.51
N VAL A 100 -14.54 -39.17 -27.08
CA VAL A 100 -13.60 -40.11 -26.49
C VAL A 100 -12.78 -40.82 -27.56
N ASP A 101 -13.42 -41.22 -28.66
CA ASP A 101 -12.71 -41.93 -29.71
C ASP A 101 -11.68 -41.05 -30.40
N ASN A 102 -11.82 -39.73 -30.31
CA ASN A 102 -10.92 -38.80 -31.00
C ASN A 102 -10.11 -37.96 -30.02
N LYS A 103 -9.91 -38.47 -28.80
CA LYS A 103 -9.04 -37.87 -27.79
C LYS A 103 -9.30 -36.36 -27.63
N SER A 104 -10.53 -36.06 -27.20
CA SER A 104 -10.92 -34.68 -26.96
C SER A 104 -9.99 -34.03 -25.95
N GLN A 105 -9.73 -32.72 -26.15
CA GLN A 105 -8.93 -31.97 -25.20
C GLN A 105 -9.54 -31.99 -23.81
N ALA A 106 -10.87 -32.07 -23.72
CA ALA A 106 -11.58 -31.98 -22.46
C ALA A 106 -11.92 -33.34 -21.87
N ILE A 107 -11.23 -34.39 -22.31
CA ILE A 107 -11.60 -35.75 -21.92
C ILE A 107 -11.46 -35.99 -20.42
N ASP A 108 -10.65 -35.19 -19.73
CA ASP A 108 -10.45 -35.41 -18.30
C ASP A 108 -11.70 -35.10 -17.47
N LEU A 109 -12.66 -34.39 -18.04
CA LEU A 109 -13.87 -34.05 -17.29
C LEU A 109 -14.82 -35.23 -17.16
N ILE A 110 -14.66 -36.25 -18.00
CA ILE A 110 -15.57 -37.41 -17.99
C ILE A 110 -14.85 -38.74 -17.87
N GLN A 111 -13.54 -38.81 -18.10
CA GLN A 111 -12.86 -40.11 -18.21
C GLN A 111 -13.02 -40.94 -16.93
N ASN A 112 -12.85 -40.32 -15.77
CA ASN A 112 -12.92 -41.04 -14.50
C ASN A 112 -14.23 -40.80 -13.77
N SER A 113 -15.23 -40.22 -14.42
CA SER A 113 -16.53 -39.96 -13.82
C SER A 113 -17.64 -40.82 -14.39
N ILE A 114 -17.74 -40.93 -15.71
CA ILE A 114 -18.74 -41.79 -16.31
C ILE A 114 -18.33 -43.25 -16.11
N LYS A 115 -19.26 -44.05 -15.61
CA LYS A 115 -18.97 -45.45 -15.29
C LYS A 115 -18.49 -46.20 -16.52
N GLY A 116 -17.38 -46.93 -16.37
CA GLY A 116 -16.83 -47.74 -17.42
C GLY A 116 -16.09 -46.99 -18.51
N LEU A 117 -16.07 -45.65 -18.48
CA LEU A 117 -15.45 -44.90 -19.55
C LEU A 117 -13.94 -45.07 -19.54
N ASN A 118 -13.33 -45.13 -18.36
CA ASN A 118 -11.88 -45.31 -18.30
C ASN A 118 -11.47 -46.67 -18.86
N ASP A 119 -12.22 -47.72 -18.55
CA ASP A 119 -11.93 -49.03 -19.12
C ASP A 119 -12.07 -49.02 -20.64
N TYR A 120 -13.00 -48.22 -21.16
CA TYR A 120 -13.16 -48.12 -22.62
C TYR A 120 -12.00 -47.34 -23.24
N ILE A 121 -11.54 -46.30 -22.56
CA ILE A 121 -10.47 -45.46 -23.11
C ILE A 121 -9.15 -46.21 -23.14
N THR A 122 -8.86 -46.96 -22.08
CA THR A 122 -7.59 -47.69 -21.99
C THR A 122 -7.59 -48.99 -22.79
N GLY A 123 -8.73 -49.40 -23.34
CA GLY A 123 -8.81 -50.66 -24.06
C GLY A 123 -9.04 -51.88 -23.20
N ALA A 124 -9.35 -51.70 -21.90
CA ALA A 124 -9.69 -52.85 -21.06
C ALA A 124 -11.01 -53.47 -21.48
N ASP A 125 -11.90 -52.69 -22.09
CA ASP A 125 -13.18 -53.20 -22.57
C ASP A 125 -13.64 -52.26 -23.67
N SER A 126 -13.63 -52.73 -24.92
CA SER A 126 -13.97 -51.91 -26.07
C SER A 126 -15.45 -51.93 -26.40
N ASP A 127 -16.29 -52.46 -25.51
CA ASP A 127 -17.73 -52.46 -25.72
C ASP A 127 -18.31 -51.19 -25.11
N PHE A 128 -18.69 -50.24 -25.98
CA PHE A 128 -19.21 -48.97 -25.49
C PHE A 128 -20.57 -49.11 -24.80
N SER A 129 -21.26 -50.24 -25.00
CA SER A 129 -22.52 -50.46 -24.31
C SER A 129 -22.34 -50.59 -22.81
N LYS A 130 -21.13 -50.87 -22.34
CA LYS A 130 -20.84 -50.93 -20.92
C LYS A 130 -20.51 -49.56 -20.32
N VAL A 131 -20.46 -48.52 -21.14
CA VAL A 131 -20.15 -47.17 -20.69
C VAL A 131 -21.44 -46.49 -20.23
N GLY A 132 -21.36 -45.78 -19.10
CA GLY A 132 -22.53 -45.25 -18.45
C GLY A 132 -23.18 -44.02 -19.06
N VAL A 133 -23.46 -44.06 -20.36
CA VAL A 133 -24.30 -43.06 -21.01
C VAL A 133 -25.26 -43.80 -21.95
N LYS A 134 -26.55 -43.58 -21.77
CA LYS A 134 -27.56 -44.34 -22.48
C LYS A 134 -28.70 -43.44 -22.91
N ALA A 135 -29.34 -43.83 -24.01
CA ALA A 135 -30.60 -43.23 -24.45
C ALA A 135 -31.72 -44.17 -24.06
N ILE A 136 -32.47 -43.81 -23.01
CA ILE A 136 -33.58 -44.65 -22.57
C ILE A 136 -34.69 -44.64 -23.62
N ASP A 137 -35.01 -43.48 -24.15
CA ASP A 137 -35.84 -43.35 -25.35
C ASP A 137 -35.38 -42.09 -26.07
N ASP A 138 -36.24 -41.54 -26.93
CA ASP A 138 -35.82 -40.39 -27.73
C ASP A 138 -35.69 -39.12 -26.89
N GLN A 139 -36.40 -39.04 -25.77
CA GLN A 139 -36.42 -37.84 -24.95
C GLN A 139 -35.69 -38.00 -23.62
N THR A 140 -35.05 -39.15 -23.37
CA THR A 140 -34.51 -39.47 -22.06
C THR A 140 -33.06 -39.94 -22.20
N VAL A 141 -32.14 -39.19 -21.62
CA VAL A 141 -30.73 -39.54 -21.59
C VAL A 141 -30.33 -39.83 -20.15
N GLU A 142 -29.51 -40.87 -19.96
CA GLU A 142 -29.14 -41.35 -18.64
C GLU A 142 -27.63 -41.48 -18.56
N TYR A 143 -27.02 -40.82 -17.57
CA TYR A 143 -25.61 -40.96 -17.26
C TYR A 143 -25.47 -41.72 -15.94
N THR A 144 -24.62 -42.75 -15.94
CA THR A 144 -24.27 -43.46 -14.72
C THR A 144 -22.81 -43.17 -14.39
N LEU A 145 -22.56 -42.76 -13.15
CA LEU A 145 -21.22 -42.35 -12.73
C LEU A 145 -20.47 -43.42 -11.92
N ALA A 146 -19.15 -43.33 -11.96
CA ALA A 146 -18.21 -44.19 -11.19
C ALA A 146 -18.32 -43.85 -9.71
N ARG A 147 -18.59 -42.62 -9.38
CA ARG A 147 -18.68 -42.18 -7.97
C ARG A 147 -19.57 -40.96 -7.90
N PRO A 148 -20.15 -40.65 -6.74
CA PRO A 148 -20.99 -39.49 -6.61
C PRO A 148 -20.21 -38.22 -6.92
N GLU A 149 -20.84 -37.30 -7.64
CA GLU A 149 -20.26 -36.00 -7.96
C GLU A 149 -21.33 -34.94 -7.80
N PRO A 150 -21.32 -34.21 -6.69
CA PRO A 150 -22.28 -33.09 -6.53
C PRO A 150 -22.12 -32.04 -7.60
N TYR A 151 -20.96 -31.95 -8.23
CA TYR A 151 -20.66 -30.97 -9.27
C TYR A 151 -20.95 -31.49 -10.66
N TRP A 152 -21.54 -32.67 -10.80
CA TRP A 152 -21.74 -33.26 -12.12
C TRP A 152 -22.63 -32.37 -12.99
N ASN A 153 -23.73 -31.86 -12.42
CA ASN A 153 -24.63 -31.02 -13.20
C ASN A 153 -23.92 -29.77 -13.71
N SER A 154 -22.95 -29.25 -12.94
CA SER A 154 -22.16 -28.13 -13.42
C SER A 154 -21.28 -28.52 -14.60
N LYS A 155 -20.91 -29.80 -14.71
CA LYS A 155 -20.08 -30.26 -15.82
C LYS A 155 -20.83 -30.16 -17.15
N THR A 156 -22.15 -30.30 -17.14
CA THR A 156 -22.92 -30.33 -18.38
C THR A 156 -22.94 -28.99 -19.11
N THR A 157 -22.43 -27.92 -18.49
CA THR A 157 -22.28 -26.64 -19.17
C THR A 157 -20.95 -26.54 -19.92
N ASN A 158 -20.29 -27.66 -20.18
CA ASN A 158 -19.10 -27.71 -21.02
C ASN A 158 -19.43 -28.45 -22.31
N SER A 159 -18.78 -28.04 -23.40
CA SER A 159 -19.21 -28.46 -24.72
C SER A 159 -18.89 -29.92 -25.03
N ILE A 160 -18.01 -30.57 -24.26
CA ILE A 160 -17.80 -32.00 -24.46
C ILE A 160 -19.03 -32.79 -24.06
N LEU A 161 -19.89 -32.23 -23.23
CA LEU A 161 -21.16 -32.85 -22.84
C LEU A 161 -22.33 -32.32 -23.65
N PHE A 162 -22.06 -31.69 -24.83
CA PHE A 162 -23.09 -31.23 -25.75
C PHE A 162 -23.43 -32.33 -26.75
N PRO A 163 -24.67 -32.38 -27.24
CA PRO A 163 -25.06 -33.43 -28.16
C PRO A 163 -24.56 -33.16 -29.58
N VAL A 164 -24.62 -34.20 -30.41
CA VAL A 164 -24.30 -34.08 -31.83
C VAL A 164 -25.10 -35.14 -32.59
N ASN A 165 -25.63 -34.73 -33.74
CA ASN A 165 -26.41 -35.65 -34.57
C ASN A 165 -25.48 -36.61 -35.28
N GLU A 166 -25.75 -37.92 -35.12
CA GLU A 166 -24.84 -38.93 -35.67
C GLU A 166 -24.86 -38.94 -37.19
N GLU A 167 -26.05 -38.81 -37.80
CA GLU A 167 -26.13 -38.82 -39.26
C GLU A 167 -25.36 -37.65 -39.86
N PHE A 168 -25.50 -36.46 -39.27
CA PHE A 168 -24.77 -35.30 -39.77
C PHE A 168 -23.27 -35.45 -39.54
N LEU A 169 -22.88 -35.95 -38.36
CA LEU A 169 -21.47 -36.15 -38.06
C LEU A 169 -20.82 -37.11 -39.05
N ASN A 170 -21.50 -38.22 -39.35
CA ASN A 170 -20.90 -39.23 -40.22
C ASN A 170 -20.79 -38.75 -41.67
N SER A 171 -21.78 -37.97 -42.14
CA SER A 171 -21.71 -37.48 -43.51
C SER A 171 -20.69 -36.35 -43.65
N LYS A 172 -20.52 -35.54 -42.62
CA LYS A 172 -19.47 -34.53 -42.65
C LYS A 172 -18.09 -35.16 -42.53
N GLY A 173 -17.95 -36.13 -41.63
CA GLY A 173 -16.68 -36.82 -41.49
C GLY A 173 -15.58 -35.88 -41.06
N LYS A 174 -14.52 -35.82 -41.89
CA LYS A 174 -13.37 -34.96 -41.62
C LYS A 174 -13.73 -33.48 -41.61
N ASP A 175 -14.80 -33.10 -42.30
CA ASP A 175 -15.19 -31.71 -42.42
C ASP A 175 -16.17 -31.26 -41.33
N PHE A 176 -16.36 -32.06 -40.29
CA PHE A 176 -17.17 -31.62 -39.16
C PHE A 176 -16.37 -30.68 -38.28
N GLY A 177 -17.01 -29.61 -37.83
CA GLY A 177 -16.41 -28.70 -36.88
C GLY A 177 -15.13 -28.04 -37.34
N THR A 178 -15.14 -27.46 -38.53
CA THR A 178 -14.01 -26.67 -39.00
C THR A 178 -14.23 -25.22 -38.60
N LEU A 179 -13.88 -24.29 -39.48
CA LEU A 179 -14.23 -22.88 -39.29
C LEU A 179 -15.34 -22.44 -40.23
N SER A 180 -15.95 -23.38 -40.94
CA SER A 180 -17.10 -23.08 -41.77
C SER A 180 -18.37 -23.13 -40.93
N PRO A 181 -19.29 -22.16 -41.07
CA PRO A 181 -20.58 -22.26 -40.38
C PRO A 181 -21.38 -23.48 -40.77
N ASP A 182 -21.12 -24.05 -41.95
CA ASP A 182 -21.84 -25.25 -42.41
C ASP A 182 -21.26 -26.54 -41.85
N SER A 183 -20.22 -26.47 -41.03
CA SER A 183 -19.55 -27.67 -40.53
C SER A 183 -20.20 -28.22 -39.25
N ILE A 184 -21.19 -27.52 -38.69
CA ILE A 184 -21.91 -27.98 -37.50
C ILE A 184 -23.39 -27.74 -37.71
N LEU A 185 -24.20 -28.36 -36.85
CA LEU A 185 -25.61 -28.07 -36.73
C LEU A 185 -25.85 -27.22 -35.49
N TYR A 186 -26.98 -26.53 -35.47
CA TYR A 186 -27.24 -25.49 -34.49
C TYR A 186 -28.43 -25.86 -33.62
N SER A 187 -28.27 -25.72 -32.31
CA SER A 187 -29.34 -25.97 -31.37
C SER A 187 -29.48 -24.86 -30.33
N GLY A 188 -28.70 -23.79 -30.42
CA GLY A 188 -28.72 -22.74 -29.44
C GLY A 188 -29.49 -21.52 -29.90
N PRO A 189 -29.38 -20.43 -29.14
CA PRO A 189 -30.19 -19.25 -29.44
C PRO A 189 -29.85 -18.57 -30.76
N TYR A 190 -28.65 -18.78 -31.31
CA TYR A 190 -28.20 -17.99 -32.45
C TYR A 190 -27.73 -18.89 -33.58
N LEU A 191 -27.77 -18.33 -34.79
CA LEU A 191 -27.19 -18.92 -35.98
C LEU A 191 -25.95 -18.11 -36.38
N LEU A 192 -24.93 -18.80 -36.87
CA LEU A 192 -23.70 -18.13 -37.30
C LEU A 192 -23.89 -17.67 -38.73
N LYS A 193 -24.11 -16.37 -38.91
CA LYS A 193 -24.30 -15.83 -40.25
C LYS A 193 -22.97 -15.75 -41.01
N ASP A 194 -21.90 -15.34 -40.32
CA ASP A 194 -20.60 -15.19 -40.96
C ASP A 194 -19.50 -15.31 -39.92
N PHE A 195 -18.43 -16.02 -40.28
CA PHE A 195 -17.17 -15.94 -39.58
C PHE A 195 -16.06 -15.74 -40.59
N THR A 196 -15.21 -14.74 -40.34
CA THR A 196 -14.03 -14.49 -41.17
C THR A 196 -12.87 -14.25 -40.21
N SER A 197 -11.85 -15.12 -40.28
CA SER A 197 -10.77 -15.07 -39.31
C SER A 197 -10.04 -13.73 -39.38
N LYS A 198 -9.74 -13.17 -38.21
CA LYS A 198 -9.08 -11.88 -38.07
C LYS A 198 -9.87 -10.78 -38.77
N SER A 199 -11.21 -10.89 -38.74
CA SER A 199 -12.04 -9.88 -39.37
C SER A 199 -13.37 -9.68 -38.66
N SER A 200 -14.29 -10.65 -38.77
CA SER A 200 -15.65 -10.41 -38.32
C SER A 200 -16.34 -11.70 -37.91
N ILE A 201 -17.23 -11.57 -36.92
CA ILE A 201 -18.16 -12.61 -36.51
C ILE A 201 -19.54 -11.99 -36.49
N GLU A 202 -20.53 -12.69 -37.07
CA GLU A 202 -21.91 -12.20 -37.07
C GLU A 202 -22.85 -13.33 -36.68
N TYR A 203 -23.66 -13.08 -35.65
CA TYR A 203 -24.74 -13.97 -35.26
C TYR A 203 -26.08 -13.37 -35.65
N VAL A 204 -27.05 -14.24 -35.92
CA VAL A 204 -28.44 -13.84 -36.12
C VAL A 204 -29.30 -14.69 -35.18
N LYS A 205 -30.27 -14.05 -34.54
CA LYS A 205 -31.17 -14.78 -33.66
C LYS A 205 -31.91 -15.86 -34.43
N ASN A 206 -31.96 -17.05 -33.87
CA ASN A 206 -32.69 -18.16 -34.47
C ASN A 206 -34.17 -18.01 -34.12
N PRO A 207 -35.03 -17.70 -35.10
CA PRO A 207 -36.45 -17.50 -34.77
C PRO A 207 -37.16 -18.75 -34.29
N HIS A 208 -36.63 -19.94 -34.57
CA HIS A 208 -37.28 -21.19 -34.21
C HIS A 208 -36.60 -21.89 -33.04
N TYR A 209 -35.63 -21.25 -32.40
CA TYR A 209 -35.05 -21.75 -31.16
C TYR A 209 -36.13 -21.82 -30.08
N TYR A 210 -36.08 -22.89 -29.28
CA TYR A 210 -37.18 -23.16 -28.35
C TYR A 210 -37.35 -22.04 -27.33
N ASP A 211 -36.29 -21.30 -27.01
CA ASP A 211 -36.36 -20.18 -26.08
C ASP A 211 -36.21 -18.84 -26.79
N HIS A 212 -36.64 -18.76 -28.05
CA HIS A 212 -36.45 -17.54 -28.83
C HIS A 212 -37.16 -16.35 -28.20
N ASP A 213 -38.26 -16.60 -27.48
CA ASP A 213 -39.01 -15.50 -26.87
C ASP A 213 -38.28 -14.86 -25.71
N LYS A 214 -37.15 -15.44 -25.27
CA LYS A 214 -36.31 -14.83 -24.25
C LYS A 214 -35.09 -14.12 -24.83
N VAL A 215 -34.87 -14.21 -26.13
CA VAL A 215 -33.68 -13.64 -26.77
C VAL A 215 -34.01 -12.22 -27.21
N SER A 216 -33.34 -11.24 -26.61
CA SER A 216 -33.62 -9.85 -26.92
C SER A 216 -32.82 -9.37 -28.13
N ILE A 217 -31.52 -9.66 -28.13
CA ILE A 217 -30.62 -9.14 -29.16
C ILE A 217 -30.80 -9.97 -30.42
N GLU A 218 -31.21 -9.33 -31.51
CA GLU A 218 -31.45 -10.00 -32.78
C GLU A 218 -30.21 -10.13 -33.65
N HIS A 219 -29.21 -9.28 -33.46
CA HIS A 219 -27.99 -9.31 -34.25
C HIS A 219 -26.78 -9.04 -33.36
N VAL A 220 -25.74 -9.84 -33.53
CA VAL A 220 -24.47 -9.63 -32.84
C VAL A 220 -23.38 -9.55 -33.91
N LYS A 221 -22.72 -8.39 -33.98
CA LYS A 221 -21.64 -8.15 -34.91
C LYS A 221 -20.36 -7.88 -34.13
N LEU A 222 -19.34 -8.69 -34.36
CA LEU A 222 -18.06 -8.55 -33.67
C LEU A 222 -16.97 -8.31 -34.72
N ALA A 223 -16.22 -7.21 -34.55
CA ALA A 223 -15.12 -6.88 -35.43
C ALA A 223 -13.80 -7.18 -34.76
N TYR A 224 -12.87 -7.78 -35.53
CA TYR A 224 -11.58 -8.15 -34.96
C TYR A 224 -10.82 -6.90 -34.51
N PHE A 225 -10.30 -6.97 -33.30
CA PHE A 225 -9.56 -5.84 -32.72
C PHE A 225 -8.23 -6.35 -32.22
N ASP A 226 -7.16 -5.81 -32.79
CA ASP A 226 -5.76 -6.17 -32.47
C ASP A 226 -5.43 -5.89 -30.99
N GLY A 227 -5.91 -4.79 -30.45
CA GLY A 227 -5.53 -4.40 -29.08
C GLY A 227 -4.43 -3.35 -29.12
N SER A 228 -4.17 -2.81 -30.30
CA SER A 228 -3.10 -1.80 -30.43
C SER A 228 -3.69 -0.41 -30.27
N ASP A 229 -4.84 -0.15 -30.87
CA ASP A 229 -5.48 1.15 -30.77
C ASP A 229 -6.62 1.02 -29.75
N GLN A 230 -6.24 1.17 -28.49
CA GLN A 230 -7.19 1.10 -27.35
C GLN A 230 -8.09 2.33 -27.40
N GLU A 231 -7.85 3.23 -28.36
CA GLU A 231 -8.59 4.50 -28.38
C GLU A 231 -9.95 4.31 -29.07
N LEU A 232 -9.96 4.24 -30.40
CA LEU A 232 -11.15 4.57 -31.17
C LEU A 232 -12.26 3.54 -30.96
N THR A 233 -12.04 2.57 -30.10
CA THR A 233 -13.19 1.85 -29.54
C THR A 233 -14.08 2.81 -28.76
N ILE A 234 -13.50 3.79 -28.08
CA ILE A 234 -14.32 4.79 -27.40
C ILE A 234 -14.95 5.74 -28.41
N ARG A 235 -14.27 6.02 -29.52
CA ARG A 235 -14.85 6.87 -30.55
C ARG A 235 -15.98 6.16 -31.28
N ASN A 236 -15.79 4.87 -31.55
CA ASN A 236 -16.87 4.07 -32.10
C ASN A 236 -18.05 3.99 -31.14
N PHE A 237 -17.80 4.06 -29.83
CA PHE A 237 -18.92 4.13 -28.89
C PHE A 237 -19.61 5.48 -28.96
N GLU A 238 -18.84 6.56 -29.09
CA GLU A 238 -19.43 7.87 -29.29
C GLU A 238 -20.24 7.91 -30.58
N SER A 239 -19.70 7.35 -31.65
CA SER A 239 -20.42 7.29 -32.90
C SER A 239 -21.75 6.56 -32.80
N GLY A 240 -21.95 5.75 -31.77
CA GLY A 240 -23.08 4.84 -31.77
C GLY A 240 -22.83 3.57 -32.53
N ALA A 241 -21.60 3.37 -33.02
CA ALA A 241 -21.29 2.16 -33.77
C ALA A 241 -21.13 0.96 -32.85
N TYR A 242 -20.69 1.15 -31.62
CA TYR A 242 -20.43 0.07 -30.70
C TYR A 242 -21.37 0.15 -29.50
N SER A 243 -21.73 -1.02 -28.98
CA SER A 243 -22.57 -1.11 -27.78
C SER A 243 -21.78 -0.97 -26.49
N ILE A 244 -20.45 -1.06 -26.55
CA ILE A 244 -19.62 -1.11 -25.36
C ILE A 244 -18.21 -0.70 -25.75
N ALA A 245 -17.47 -0.14 -24.80
CA ALA A 245 -16.09 0.24 -25.04
C ALA A 245 -15.34 0.23 -23.72
N GLY A 246 -14.21 -0.48 -23.69
CA GLY A 246 -13.32 -0.36 -22.56
C GLY A 246 -12.65 1.00 -22.53
N VAL A 247 -12.32 1.44 -21.33
CA VAL A 247 -11.61 2.71 -21.13
C VAL A 247 -10.30 2.41 -20.43
N TYR A 248 -9.21 2.91 -21.00
CA TYR A 248 -7.87 2.59 -20.52
C TYR A 248 -7.21 3.85 -19.99
N PRO A 249 -7.02 3.97 -18.68
CA PRO A 249 -6.52 5.23 -18.12
C PRO A 249 -5.15 5.64 -18.63
N ASN A 250 -4.40 4.68 -19.14
CA ASN A 250 -3.03 5.00 -19.62
C ASN A 250 -3.04 5.30 -21.12
N SER A 251 -4.21 5.56 -21.72
CA SER A 251 -4.33 5.99 -23.10
C SER A 251 -3.91 7.45 -23.23
N SER A 252 -3.68 7.88 -24.47
CA SER A 252 -3.23 9.24 -24.72
C SER A 252 -4.35 10.26 -24.64
N ASN A 253 -5.62 9.83 -24.52
CA ASN A 253 -6.74 10.76 -24.45
C ASN A 253 -7.66 10.49 -23.26
N PHE A 254 -7.18 9.79 -22.22
CA PHE A 254 -8.07 9.44 -21.11
C PHE A 254 -8.60 10.69 -20.40
N ALA A 255 -7.85 11.79 -20.43
CA ALA A 255 -8.28 13.00 -19.76
C ALA A 255 -9.62 13.48 -20.30
N LYS A 256 -9.74 13.59 -21.63
CA LYS A 256 -11.00 14.02 -22.22
C LYS A 256 -12.05 12.92 -22.15
N THR A 257 -11.63 11.66 -22.19
CA THR A 257 -12.59 10.56 -22.09
C THR A 257 -13.22 10.50 -20.71
N LYS A 258 -12.43 10.76 -19.66
CA LYS A 258 -12.95 10.64 -18.29
C LYS A 258 -13.97 11.74 -17.99
N GLU A 259 -13.69 12.97 -18.39
CA GLU A 259 -14.60 14.07 -18.08
C GLU A 259 -15.88 14.03 -18.90
N LYS A 260 -15.89 13.35 -20.05
CA LYS A 260 -17.13 13.22 -20.79
C LYS A 260 -17.97 12.05 -20.27
N TYR A 261 -17.33 11.00 -19.78
CA TYR A 261 -18.02 9.80 -19.32
C TYR A 261 -17.85 9.58 -17.81
N LYS A 262 -17.68 10.66 -17.06
CA LYS A 262 -17.40 10.53 -15.63
C LYS A 262 -18.50 9.78 -14.90
N ASP A 263 -19.75 9.96 -15.32
CA ASP A 263 -20.89 9.32 -14.69
C ASP A 263 -21.26 7.99 -15.34
N ASN A 264 -20.49 7.53 -16.33
CA ASN A 264 -20.80 6.31 -17.06
C ASN A 264 -19.76 5.22 -16.92
N ILE A 265 -18.59 5.52 -16.35
CA ILE A 265 -17.54 4.50 -16.22
C ILE A 265 -17.94 3.51 -15.14
N VAL A 266 -17.97 2.23 -15.51
CA VAL A 266 -18.37 1.16 -14.60
C VAL A 266 -17.27 0.11 -14.56
N TYR A 267 -17.17 -0.59 -13.44
CA TYR A 267 -16.14 -1.59 -13.22
C TYR A 267 -16.79 -2.97 -13.07
N SER A 268 -16.22 -3.95 -13.77
CA SER A 268 -16.73 -5.30 -13.72
C SER A 268 -16.41 -5.96 -12.37
N LEU A 269 -16.99 -7.12 -12.14
CA LEU A 269 -16.64 -7.94 -11.00
C LEU A 269 -15.51 -8.90 -11.39
N GLN A 270 -14.78 -9.36 -10.37
CA GLN A 270 -13.83 -10.45 -10.59
C GLN A 270 -14.59 -11.70 -11.00
N ASP A 271 -14.20 -12.30 -12.12
CA ASP A 271 -14.93 -13.45 -12.62
C ASP A 271 -14.08 -14.72 -12.61
N LYS A 272 -14.45 -15.69 -13.44
CA LYS A 272 -14.01 -17.07 -13.27
C LYS A 272 -12.62 -17.38 -13.78
N THR A 273 -11.96 -16.46 -14.48
CA THR A 273 -10.64 -16.75 -15.02
C THR A 273 -9.56 -16.45 -13.98
N SER A 274 -8.71 -17.45 -13.71
CA SER A 274 -7.59 -17.30 -12.80
C SER A 274 -6.32 -17.14 -13.63
N TRP A 275 -5.63 -16.01 -13.45
CA TRP A 275 -4.42 -15.72 -14.21
C TRP A 275 -3.20 -15.89 -13.31
N TYR A 276 -2.07 -16.22 -13.95
CA TYR A 276 -0.86 -16.57 -13.20
C TYR A 276 0.34 -16.45 -14.12
N PHE A 277 1.51 -16.42 -13.51
CA PHE A 277 2.78 -16.57 -14.21
C PHE A 277 3.33 -17.96 -13.95
N ASN A 278 4.08 -18.49 -14.92
CA ASN A 278 4.63 -19.83 -14.78
C ASN A 278 5.99 -19.90 -15.46
N PHE A 279 6.84 -20.80 -14.96
CA PHE A 279 8.15 -21.03 -15.54
C PHE A 279 8.09 -22.17 -16.55
N ASN A 280 9.01 -22.12 -17.52
CA ASN A 280 9.33 -23.27 -18.34
C ASN A 280 10.55 -23.94 -17.72
N VAL A 281 10.37 -25.14 -17.18
CA VAL A 281 11.44 -25.85 -16.48
C VAL A 281 12.08 -26.91 -17.36
N ASN A 282 11.79 -26.90 -18.66
CA ASN A 282 12.29 -27.93 -19.56
C ASN A 282 12.41 -27.36 -20.98
N ARG A 283 12.94 -26.16 -21.09
CA ARG A 283 12.95 -25.45 -22.37
C ARG A 283 13.85 -26.15 -23.37
N LYS A 284 13.36 -26.32 -24.59
CA LYS A 284 14.13 -26.90 -25.68
C LYS A 284 14.15 -26.00 -26.91
N ALA A 285 13.07 -25.28 -27.18
CA ALA A 285 13.04 -24.35 -28.30
C ALA A 285 13.68 -23.02 -27.88
N TYR A 286 14.63 -22.55 -28.67
CA TYR A 286 15.40 -21.34 -28.37
C TYR A 286 15.47 -20.42 -29.58
N ASN A 287 14.32 -20.21 -30.24
CA ASN A 287 14.29 -19.36 -31.41
C ASN A 287 13.89 -17.93 -31.10
N HIS A 288 13.51 -17.62 -29.86
CA HIS A 288 13.14 -16.27 -29.44
C HIS A 288 13.80 -16.02 -28.08
N THR A 289 15.08 -15.64 -28.12
CA THR A 289 15.84 -15.42 -26.90
C THR A 289 16.90 -14.36 -27.15
N SER A 290 17.20 -13.60 -26.10
CA SER A 290 18.31 -12.65 -26.12
C SER A 290 19.62 -13.27 -25.64
N LYS A 291 19.59 -14.51 -25.18
CA LYS A 291 20.80 -15.20 -24.78
C LYS A 291 21.65 -15.53 -26.00
N THR A 292 22.96 -15.30 -25.88
CA THR A 292 23.87 -15.49 -27.00
C THR A 292 24.80 -16.68 -26.84
N THR A 293 24.87 -17.29 -25.66
CA THR A 293 25.82 -18.36 -25.41
C THR A 293 25.13 -19.53 -24.70
N ASP A 294 25.75 -20.70 -24.81
CA ASP A 294 25.28 -21.86 -24.06
C ASP A 294 25.34 -21.61 -22.56
N GLU A 295 26.40 -20.96 -22.10
CA GLU A 295 26.57 -20.70 -20.67
C GLU A 295 25.38 -19.93 -20.11
N GLN A 296 24.86 -18.96 -20.89
CA GLN A 296 23.65 -18.27 -20.50
C GLN A 296 22.46 -19.21 -20.45
N LYS A 297 22.31 -20.06 -21.48
CA LYS A 297 21.18 -20.98 -21.52
C LYS A 297 21.26 -22.02 -20.41
N LYS A 298 22.45 -22.63 -20.24
CA LYS A 298 22.63 -23.59 -19.16
C LYS A 298 22.36 -22.96 -17.80
N SER A 299 22.80 -21.71 -17.62
CA SER A 299 22.57 -21.01 -16.36
C SER A 299 21.08 -20.80 -16.11
N THR A 300 20.36 -20.31 -17.13
CA THR A 300 18.93 -20.08 -16.97
C THR A 300 18.19 -21.39 -16.71
N GLU A 301 18.58 -22.47 -17.40
CA GLU A 301 17.92 -23.75 -17.23
C GLU A 301 18.08 -24.27 -15.80
N THR A 302 19.28 -24.16 -15.25
CA THR A 302 19.50 -24.62 -13.88
C THR A 302 18.79 -23.73 -12.87
N ALA A 303 18.73 -22.41 -13.15
CA ALA A 303 18.14 -21.48 -12.19
C ALA A 303 16.66 -21.75 -11.98
N VAL A 304 15.91 -21.98 -13.07
CA VAL A 304 14.47 -22.19 -12.94
C VAL A 304 14.14 -23.51 -12.25
N LEU A 305 15.10 -24.44 -12.18
CA LEU A 305 14.91 -25.68 -11.45
C LEU A 305 15.25 -25.54 -9.97
N ASN A 306 15.71 -24.38 -9.53
CA ASN A 306 16.06 -24.13 -8.15
C ASN A 306 14.87 -23.51 -7.43
N LYS A 307 14.47 -24.12 -6.30
CA LYS A 307 13.28 -23.68 -5.59
C LYS A 307 13.44 -22.27 -5.04
N ASN A 308 14.62 -21.97 -4.47
CA ASN A 308 14.85 -20.64 -3.91
C ASN A 308 14.77 -19.56 -4.98
N PHE A 309 15.26 -19.85 -6.19
CA PHE A 309 15.19 -18.88 -7.27
C PHE A 309 13.75 -18.56 -7.64
N ARG A 310 12.91 -19.60 -7.77
CA ARG A 310 11.52 -19.39 -8.15
C ARG A 310 10.76 -18.62 -7.07
N GLN A 311 11.02 -18.93 -5.80
CA GLN A 311 10.40 -18.16 -4.72
C GLN A 311 10.88 -16.72 -4.72
N ALA A 312 12.16 -16.50 -5.05
CA ALA A 312 12.70 -15.15 -5.08
C ALA A 312 12.03 -14.30 -6.17
N VAL A 313 11.81 -14.89 -7.34
CA VAL A 313 11.06 -14.18 -8.39
C VAL A 313 9.63 -13.95 -7.94
N ASN A 314 9.03 -14.94 -7.26
CA ASN A 314 7.66 -14.82 -6.81
C ASN A 314 7.50 -13.66 -5.82
N PHE A 315 8.42 -13.54 -4.87
CA PHE A 315 8.32 -12.48 -3.87
C PHE A 315 8.69 -11.12 -4.43
N ALA A 316 9.34 -11.07 -5.59
CA ALA A 316 9.73 -9.81 -6.21
C ALA A 316 8.75 -9.35 -7.29
N LEU A 317 7.76 -10.17 -7.64
CA LEU A 317 6.80 -9.81 -8.67
C LEU A 317 5.69 -8.98 -8.05
N ASP A 318 5.68 -7.68 -8.37
CA ASP A 318 4.63 -6.78 -7.91
C ASP A 318 3.43 -6.92 -8.83
N ARG A 319 2.37 -7.57 -8.33
CA ARG A 319 1.18 -7.76 -9.14
C ARG A 319 0.40 -6.47 -9.31
N THR A 320 0.49 -5.56 -8.34
CA THR A 320 -0.20 -4.28 -8.47
C THR A 320 0.37 -3.46 -9.62
N ALA A 321 1.69 -3.46 -9.77
CA ALA A 321 2.32 -2.70 -10.86
C ALA A 321 1.92 -3.25 -12.22
N TYR A 322 1.85 -4.58 -12.35
CA TYR A 322 1.46 -5.18 -13.62
C TYR A 322 0.04 -4.80 -14.00
N SER A 323 -0.88 -4.82 -13.03
CA SER A 323 -2.26 -4.43 -13.32
C SER A 323 -2.42 -2.92 -13.47
N ALA A 324 -1.49 -2.14 -12.91
CA ALA A 324 -1.59 -0.68 -13.00
C ALA A 324 -1.32 -0.15 -14.40
N GLN A 325 -0.67 -0.95 -15.25
CA GLN A 325 -0.39 -0.50 -16.61
C GLN A 325 -1.65 -0.49 -17.47
N SER A 326 -2.47 -1.53 -17.37
CA SER A 326 -3.71 -1.55 -18.13
C SER A 326 -4.78 -0.72 -17.43
N ASN A 327 -5.17 -1.14 -16.23
CA ASN A 327 -6.20 -0.46 -15.47
C ASN A 327 -5.58 0.76 -14.78
N GLY A 328 -6.36 1.42 -13.93
CA GLY A 328 -5.84 2.56 -13.20
C GLY A 328 -4.77 2.16 -12.19
N GLU A 329 -3.97 3.14 -11.80
CA GLU A 329 -3.02 2.91 -10.73
C GLU A 329 -3.74 2.65 -9.41
N GLU A 330 -4.88 3.31 -9.20
CA GLU A 330 -5.73 3.00 -8.05
C GLU A 330 -6.50 1.71 -8.28
N ALA A 331 -7.13 1.57 -9.43
CA ALA A 331 -7.95 0.41 -9.76
C ALA A 331 -7.14 -0.86 -9.97
N ALA A 332 -5.80 -0.78 -9.88
CA ALA A 332 -4.97 -1.96 -10.11
C ALA A 332 -5.25 -3.06 -9.09
N SER A 333 -5.55 -2.67 -7.85
CA SER A 333 -5.73 -3.67 -6.79
C SER A 333 -7.04 -4.43 -6.92
N LYS A 334 -8.00 -3.94 -7.71
CA LYS A 334 -9.31 -4.59 -7.79
C LYS A 334 -9.23 -5.98 -8.41
N THR A 335 -8.27 -6.21 -9.31
CA THR A 335 -8.20 -7.45 -10.06
C THR A 335 -7.34 -8.51 -9.39
N LEU A 336 -6.70 -8.21 -8.27
CA LEU A 336 -5.65 -9.07 -7.73
C LEU A 336 -6.22 -10.38 -7.20
N LEU A 337 -5.50 -11.47 -7.48
CA LEU A 337 -5.86 -12.81 -7.05
C LEU A 337 -4.59 -13.56 -6.69
N ASN A 338 -4.61 -14.27 -5.57
CA ASN A 338 -3.41 -14.90 -5.03
C ASN A 338 -3.45 -16.43 -5.07
N THR A 339 -4.48 -17.02 -5.68
CA THR A 339 -4.62 -18.47 -5.72
C THR A 339 -5.15 -18.88 -7.08
N LEU A 340 -4.95 -20.15 -7.41
CA LEU A 340 -5.60 -20.72 -8.59
C LEU A 340 -7.09 -20.95 -8.32
N VAL A 341 -7.39 -21.58 -7.19
CA VAL A 341 -8.77 -21.70 -6.71
C VAL A 341 -9.16 -20.36 -6.09
N PRO A 342 -10.22 -19.70 -6.54
CA PRO A 342 -10.68 -18.48 -5.87
C PRO A 342 -10.83 -18.71 -4.38
N PRO A 343 -10.38 -17.77 -3.55
CA PRO A 343 -10.31 -18.04 -2.10
C PRO A 343 -11.66 -18.34 -1.47
N THR A 344 -12.76 -17.87 -2.06
CA THR A 344 -14.10 -18.19 -1.56
C THR A 344 -14.85 -19.12 -2.51
N PHE A 345 -14.11 -19.88 -3.34
CA PHE A 345 -14.75 -20.84 -4.24
C PHE A 345 -15.57 -21.86 -3.45
N VAL A 346 -15.05 -22.31 -2.31
CA VAL A 346 -15.75 -23.24 -1.44
C VAL A 346 -15.49 -22.83 0.01
N GLN A 347 -16.28 -23.39 0.91
CA GLN A 347 -16.08 -23.26 2.34
C GLN A 347 -15.61 -24.59 2.92
N VAL A 348 -14.74 -24.52 3.92
CA VAL A 348 -14.20 -25.71 4.58
C VAL A 348 -14.48 -25.54 6.07
N GLY A 349 -15.63 -26.05 6.51
CA GLY A 349 -16.03 -25.81 7.89
C GLY A 349 -16.32 -24.34 8.11
N ASP A 350 -15.75 -23.78 9.18
CA ASP A 350 -15.87 -22.37 9.46
C ASP A 350 -14.86 -21.52 8.70
N LYS A 351 -14.11 -22.11 7.77
CA LYS A 351 -13.03 -21.43 7.07
C LYS A 351 -13.35 -21.34 5.58
N THR A 352 -12.83 -20.29 4.95
CA THR A 352 -12.84 -20.23 3.50
C THR A 352 -11.70 -21.08 2.94
N PHE A 353 -11.76 -21.37 1.64
CA PHE A 353 -10.73 -22.19 1.02
C PHE A 353 -9.37 -21.53 1.14
N GLY A 354 -9.29 -20.23 0.82
CA GLY A 354 -8.02 -19.52 0.93
C GLY A 354 -7.47 -19.51 2.35
N GLU A 355 -8.35 -19.47 3.35
CA GLU A 355 -7.89 -19.51 4.73
C GLU A 355 -7.27 -20.86 5.07
N VAL A 356 -7.85 -21.95 4.59
CA VAL A 356 -7.28 -23.26 4.82
C VAL A 356 -5.96 -23.40 4.09
N VAL A 357 -5.87 -22.88 2.87
CA VAL A 357 -4.63 -22.94 2.10
C VAL A 357 -3.51 -22.22 2.85
N ALA A 358 -3.81 -21.03 3.39
CA ALA A 358 -2.80 -20.29 4.13
C ALA A 358 -2.37 -21.05 5.38
N SER A 359 -3.31 -21.79 6.00
CA SER A 359 -2.96 -22.57 7.18
C SER A 359 -2.06 -23.76 6.82
N LYS A 360 -2.28 -24.36 5.65
CA LYS A 360 -1.34 -25.37 5.17
C LYS A 360 -0.03 -24.74 4.76
N LEU A 361 -0.07 -23.51 4.25
CA LEU A 361 1.11 -22.86 3.71
C LEU A 361 2.09 -22.47 4.82
N VAL A 362 1.58 -21.96 5.95
CA VAL A 362 2.46 -21.52 7.03
C VAL A 362 3.23 -22.70 7.60
N ASN A 363 2.67 -23.91 7.51
CA ASN A 363 3.33 -25.11 8.00
C ASN A 363 4.40 -25.61 7.04
N TYR A 364 4.62 -24.95 5.91
CA TYR A 364 5.62 -25.37 4.93
C TYR A 364 6.94 -24.63 5.04
N GLY A 365 6.96 -23.50 5.74
CA GLY A 365 8.18 -22.71 5.86
C GLY A 365 7.93 -21.31 6.38
N THR A 366 8.95 -20.72 7.00
CA THR A 366 8.81 -19.39 7.59
C THR A 366 8.65 -18.29 6.55
N GLU A 367 8.99 -18.56 5.29
CA GLU A 367 8.75 -17.58 4.23
C GLU A 367 7.27 -17.32 4.01
N TRP A 368 6.40 -18.16 4.55
CA TRP A 368 4.95 -18.04 4.38
C TRP A 368 4.23 -17.62 5.65
N SER A 369 4.95 -17.28 6.71
CA SER A 369 4.30 -16.84 7.94
C SER A 369 3.56 -15.54 7.70
N GLY A 370 2.35 -15.44 8.23
CA GLY A 370 1.54 -14.26 8.03
C GLY A 370 0.90 -14.13 6.67
N ILE A 371 0.97 -15.18 5.84
CA ILE A 371 0.44 -15.11 4.48
C ILE A 371 -1.07 -14.85 4.53
N ASN A 372 -1.52 -13.95 3.66
CA ASN A 372 -2.94 -13.60 3.57
C ASN A 372 -3.34 -13.66 2.09
N LEU A 373 -4.13 -14.68 1.74
CA LEU A 373 -4.47 -14.96 0.35
C LEU A 373 -5.78 -14.33 -0.09
N ALA A 374 -6.22 -13.27 0.59
CA ALA A 374 -7.49 -12.65 0.26
C ALA A 374 -7.44 -11.99 -1.11
N ASP A 375 -8.61 -11.79 -1.70
CA ASP A 375 -8.72 -11.14 -3.00
C ASP A 375 -8.36 -9.66 -2.88
N ALA A 376 -8.13 -9.04 -4.04
CA ALA A 376 -7.96 -7.60 -4.17
C ALA A 376 -6.80 -7.06 -3.34
N GLN A 377 -5.78 -7.89 -3.12
CA GLN A 377 -4.55 -7.44 -2.48
C GLN A 377 -3.44 -8.40 -2.86
N ASP A 378 -2.21 -7.91 -2.80
CA ASP A 378 -1.03 -8.67 -3.19
C ASP A 378 -0.50 -9.43 -1.98
N ALA A 379 -0.62 -10.75 -2.02
CA ALA A 379 -0.17 -11.59 -0.91
C ALA A 379 1.34 -11.82 -0.93
N TYR A 380 2.00 -11.61 -2.06
CA TYR A 380 3.35 -12.10 -2.29
C TYR A 380 4.43 -11.04 -2.23
N PHE A 381 4.20 -9.86 -2.83
CA PHE A 381 5.27 -8.89 -3.04
C PHE A 381 5.94 -8.51 -1.73
N ASN A 382 7.26 -8.71 -1.65
CA ASN A 382 8.01 -8.40 -0.45
C ASN A 382 9.48 -8.34 -0.86
N LYS A 383 10.02 -7.11 -0.97
CA LYS A 383 11.38 -6.93 -1.48
C LYS A 383 12.40 -7.66 -0.63
N GLU A 384 12.26 -7.56 0.69
CA GLU A 384 13.28 -8.11 1.57
C GLU A 384 13.30 -9.64 1.53
N LYS A 385 12.13 -10.27 1.48
CA LYS A 385 12.12 -11.73 1.38
C LYS A 385 12.56 -12.19 -0.01
N ALA A 386 12.31 -11.38 -1.04
CA ALA A 386 12.79 -11.72 -2.37
C ALA A 386 14.31 -11.69 -2.42
N GLN A 387 14.92 -10.65 -1.85
CA GLN A 387 16.37 -10.53 -1.87
C GLN A 387 17.03 -11.61 -1.01
N ALA A 388 16.39 -11.98 0.10
CA ALA A 388 16.95 -13.03 0.96
C ALA A 388 16.86 -14.39 0.28
N LYS A 389 15.76 -14.65 -0.43
CA LYS A 389 15.62 -15.92 -1.14
C LYS A 389 16.64 -16.02 -2.27
N PHE A 390 16.88 -14.91 -2.99
CA PHE A 390 17.84 -14.94 -4.07
C PHE A 390 19.27 -15.11 -3.58
N ALA A 391 19.58 -14.56 -2.40
CA ALA A 391 20.90 -14.77 -1.82
C ALA A 391 21.15 -16.25 -1.55
N GLU A 392 20.14 -16.95 -1.04
CA GLU A 392 20.27 -18.40 -0.83
C GLU A 392 20.31 -19.13 -2.16
N ALA A 393 19.52 -18.68 -3.14
CA ALA A 393 19.56 -19.29 -4.47
C ALA A 393 20.92 -19.10 -5.13
N LYS A 394 21.51 -17.91 -4.99
CA LYS A 394 22.78 -17.62 -5.63
C LYS A 394 23.88 -18.54 -5.12
N LYS A 395 23.88 -18.86 -3.82
CA LYS A 395 24.97 -19.66 -3.27
C LYS A 395 24.91 -21.11 -3.74
N GLU A 396 23.72 -21.63 -4.01
CA GLU A 396 23.61 -23.02 -4.45
C GLU A 396 23.82 -23.16 -5.95
N LEU A 397 23.45 -22.14 -6.73
CA LEU A 397 23.58 -22.23 -8.18
C LEU A 397 25.03 -22.08 -8.63
N THR A 398 25.84 -21.30 -7.91
CA THR A 398 27.24 -21.17 -8.28
C THR A 398 27.97 -22.52 -8.18
N SER A 399 27.59 -23.36 -7.21
CA SER A 399 28.18 -24.68 -7.10
C SER A 399 27.90 -25.52 -8.34
N GLN A 400 26.85 -25.20 -9.08
CA GLN A 400 26.53 -25.90 -10.32
C GLN A 400 27.03 -25.15 -11.55
N GLY A 401 27.88 -24.14 -11.37
CA GLY A 401 28.48 -23.43 -12.48
C GLY A 401 27.50 -22.54 -13.22
N VAL A 402 26.77 -21.71 -12.48
CA VAL A 402 25.74 -20.83 -13.04
C VAL A 402 26.26 -19.40 -13.00
N THR A 403 26.24 -18.74 -14.15
CA THR A 403 26.74 -17.38 -14.29
C THR A 403 25.61 -16.37 -14.10
N PHE A 404 25.92 -15.25 -13.46
CA PHE A 404 24.94 -14.20 -13.23
C PHE A 404 25.28 -12.95 -14.02
N PRO A 405 24.28 -12.16 -14.44
CA PRO A 405 22.84 -12.30 -14.16
C PRO A 405 22.14 -13.41 -14.93
N ILE A 406 21.00 -13.87 -14.40
CA ILE A 406 20.17 -14.83 -15.09
C ILE A 406 19.28 -14.10 -16.09
N HIS A 407 19.28 -14.57 -17.34
CA HIS A 407 18.42 -14.03 -18.37
C HIS A 407 17.17 -14.88 -18.48
N LEU A 408 16.01 -14.24 -18.33
CA LEU A 408 14.72 -14.92 -18.49
C LEU A 408 13.99 -14.33 -19.70
N ASP A 409 13.61 -15.19 -20.63
CA ASP A 409 12.81 -14.78 -21.78
C ASP A 409 11.32 -14.91 -21.44
N VAL A 410 10.57 -13.89 -21.83
CA VAL A 410 9.11 -13.94 -21.78
C VAL A 410 8.58 -13.41 -23.11
N ALA A 411 7.75 -14.21 -23.78
CA ALA A 411 7.17 -13.83 -25.06
C ALA A 411 5.85 -13.12 -24.85
N VAL A 412 5.56 -12.16 -25.73
CA VAL A 412 4.39 -11.29 -25.61
C VAL A 412 3.85 -11.00 -26.99
N ASP A 413 2.54 -10.76 -27.07
CA ASP A 413 1.92 -10.30 -28.31
C ASP A 413 2.27 -8.84 -28.50
N GLN A 414 3.04 -8.55 -29.55
CA GLN A 414 3.50 -7.18 -29.80
C GLN A 414 2.33 -6.22 -29.98
N THR A 415 1.22 -6.68 -30.56
CA THR A 415 0.14 -5.79 -30.93
C THR A 415 -0.74 -5.39 -29.76
N SER A 416 -0.77 -6.15 -28.67
CA SER A 416 -1.57 -5.81 -27.50
C SER A 416 -0.74 -4.91 -26.59
N LYS A 417 -1.09 -3.61 -26.58
CA LYS A 417 -0.32 -2.67 -25.77
C LYS A 417 -0.43 -2.97 -24.28
N ASN A 418 -1.56 -3.51 -23.85
CA ASN A 418 -1.72 -3.88 -22.44
C ASN A 418 -0.66 -4.90 -22.03
N ALA A 419 -0.47 -5.94 -22.85
CA ALA A 419 0.44 -7.01 -22.49
C ALA A 419 1.90 -6.54 -22.52
N VAL A 420 2.25 -5.69 -23.49
CA VAL A 420 3.63 -5.24 -23.62
C VAL A 420 4.02 -4.36 -22.44
N THR A 421 3.18 -3.39 -22.09
CA THR A 421 3.48 -2.51 -20.97
C THR A 421 3.42 -3.24 -19.65
N GLY A 422 2.51 -4.22 -19.51
CA GLY A 422 2.47 -5.01 -18.29
C GLY A 422 3.74 -5.82 -18.09
N MET A 423 4.17 -6.53 -19.13
CA MET A 423 5.38 -7.34 -19.00
C MET A 423 6.62 -6.47 -18.83
N ASN A 424 6.61 -5.26 -19.38
CA ASN A 424 7.74 -4.36 -19.16
C ASN A 424 7.76 -3.83 -17.73
N SER A 425 6.61 -3.78 -17.07
CA SER A 425 6.58 -3.39 -15.66
C SER A 425 7.12 -4.52 -14.77
N VAL A 426 6.83 -5.77 -15.14
CA VAL A 426 7.46 -6.90 -14.46
C VAL A 426 8.97 -6.86 -14.66
N LYS A 427 9.41 -6.50 -15.86
CA LYS A 427 10.84 -6.33 -16.11
C LYS A 427 11.43 -5.27 -15.20
N GLN A 428 10.80 -4.09 -15.15
CA GLN A 428 11.32 -3.01 -14.33
C GLN A 428 11.30 -3.37 -12.85
N THR A 429 10.24 -4.03 -12.39
CA THR A 429 10.14 -4.40 -10.98
C THR A 429 11.17 -5.46 -10.61
N LEU A 430 11.21 -6.56 -11.38
CA LEU A 430 12.09 -7.67 -11.03
C LEU A 430 13.56 -7.28 -11.14
N GLU A 431 13.91 -6.48 -12.14
CA GLU A 431 15.30 -6.07 -12.28
C GLU A 431 15.72 -5.11 -11.17
N SER A 432 14.79 -4.30 -10.65
CA SER A 432 15.13 -3.33 -9.61
C SER A 432 15.15 -3.98 -8.23
N VAL A 433 14.19 -4.86 -7.96
CA VAL A 433 14.14 -5.53 -6.66
C VAL A 433 15.31 -6.50 -6.50
N LEU A 434 15.58 -7.30 -7.53
CA LEU A 434 16.60 -8.32 -7.43
C LEU A 434 17.98 -7.85 -7.89
N GLY A 435 18.04 -6.79 -8.69
CA GLY A 435 19.31 -6.28 -9.17
C GLY A 435 19.61 -6.70 -10.60
N SER A 436 20.08 -5.76 -11.42
CA SER A 436 20.38 -6.07 -12.82
C SER A 436 21.57 -7.00 -12.96
N ASP A 437 22.44 -7.05 -11.96
CA ASP A 437 23.54 -8.00 -11.97
C ASP A 437 23.13 -9.41 -11.58
N ASN A 438 21.87 -9.60 -11.19
CA ASN A 438 21.36 -10.90 -10.75
C ASN A 438 20.32 -11.48 -11.69
N ILE A 439 19.45 -10.64 -12.27
CA ILE A 439 18.41 -11.11 -13.16
C ILE A 439 18.17 -10.05 -14.23
N VAL A 440 17.87 -10.52 -15.45
CA VAL A 440 17.48 -9.66 -16.56
C VAL A 440 16.28 -10.29 -17.23
N ILE A 441 15.21 -9.51 -17.40
CA ILE A 441 14.00 -9.98 -18.07
C ILE A 441 14.02 -9.46 -19.49
N ASP A 442 14.01 -10.38 -20.45
CA ASP A 442 14.06 -10.05 -21.88
C ASP A 442 12.68 -10.26 -22.48
N VAL A 443 11.98 -9.16 -22.72
CA VAL A 443 10.62 -9.22 -23.27
C VAL A 443 10.71 -9.39 -24.77
N GLN A 444 10.23 -10.53 -25.28
CA GLN A 444 10.25 -10.83 -26.70
C GLN A 444 8.89 -10.45 -27.29
N GLN A 445 8.87 -9.37 -28.07
CA GLN A 445 7.64 -8.88 -28.68
C GLN A 445 7.43 -9.59 -30.02
N LEU A 446 6.39 -10.41 -30.10
CA LEU A 446 6.13 -11.24 -31.26
C LEU A 446 4.78 -10.88 -31.87
N SER A 447 4.62 -11.22 -33.14
CA SER A 447 3.33 -11.09 -33.79
C SER A 447 2.33 -12.06 -33.17
N THR A 448 1.04 -11.78 -33.38
CA THR A 448 -0.01 -12.61 -32.80
C THR A 448 0.13 -14.06 -33.25
N ASP A 449 0.36 -14.28 -34.55
CA ASP A 449 0.58 -15.63 -35.06
C ASP A 449 1.82 -16.25 -34.43
N ASP A 450 2.94 -15.52 -34.46
CA ASP A 450 4.19 -16.04 -33.93
C ASP A 450 4.07 -16.38 -32.46
N PHE A 451 3.49 -15.48 -31.67
CA PHE A 451 3.28 -15.74 -30.25
C PHE A 451 2.43 -16.98 -30.04
N ASN A 452 1.38 -17.14 -30.84
CA ASN A 452 0.53 -18.33 -30.71
C ASN A 452 1.29 -19.58 -31.14
N ASN A 453 2.17 -19.47 -32.14
CA ASN A 453 2.89 -20.63 -32.65
C ASN A 453 3.81 -21.23 -31.60
N VAL A 454 4.42 -20.38 -30.77
CA VAL A 454 5.49 -20.81 -29.87
C VAL A 454 5.12 -20.68 -28.40
N ALA A 455 3.92 -20.23 -28.08
CA ALA A 455 3.51 -20.13 -26.68
C ALA A 455 2.11 -20.70 -26.47
N PHE A 456 1.08 -19.86 -26.67
CA PHE A 456 -0.26 -20.26 -26.26
C PHE A 456 -0.78 -21.44 -27.04
N LEU A 457 -0.50 -21.50 -28.35
CA LEU A 457 -0.95 -22.61 -29.18
C LEU A 457 0.21 -23.45 -29.70
N ALA A 458 1.30 -23.53 -28.93
CA ALA A 458 2.42 -24.37 -29.31
C ALA A 458 1.97 -25.83 -29.36
N PRO A 459 2.29 -26.56 -30.44
CA PRO A 459 1.71 -27.91 -30.59
C PRO A 459 2.13 -28.89 -29.50
N THR A 460 3.39 -28.87 -29.10
CA THR A 460 3.89 -29.77 -28.07
C THR A 460 4.60 -28.96 -26.98
N ALA A 461 4.90 -29.64 -25.87
CA ALA A 461 5.56 -28.97 -24.75
C ALA A 461 6.97 -28.55 -25.11
N ALA A 462 7.66 -29.30 -25.98
CA ALA A 462 9.01 -28.95 -26.38
C ALA A 462 9.05 -27.76 -27.33
N ASP A 463 7.91 -27.31 -27.84
CA ASP A 463 7.86 -26.18 -28.76
C ASP A 463 7.73 -24.84 -28.06
N ARG A 464 7.50 -24.82 -26.75
CA ARG A 464 7.24 -23.58 -26.04
C ARG A 464 8.53 -22.80 -25.86
N ASP A 465 8.57 -21.60 -26.41
CA ASP A 465 9.80 -20.82 -26.61
C ASP A 465 9.83 -19.66 -25.61
N TYR A 466 10.13 -19.99 -24.37
CA TYR A 466 10.24 -18.98 -23.31
C TYR A 466 10.82 -19.64 -22.07
N ASP A 467 11.16 -18.80 -21.09
CA ASP A 467 11.49 -19.23 -19.75
C ASP A 467 10.41 -18.86 -18.74
N PHE A 468 9.45 -18.04 -19.13
CA PHE A 468 8.54 -17.38 -18.20
C PHE A 468 7.34 -16.89 -19.00
N ASN A 469 6.14 -17.12 -18.46
CA ASN A 469 4.93 -16.88 -19.24
C ASN A 469 3.81 -16.39 -18.34
N PHE A 470 2.78 -15.83 -18.98
CA PHE A 470 1.55 -15.39 -18.31
C PHE A 470 0.38 -16.09 -18.98
N ASP A 471 -0.39 -16.86 -18.21
CA ASP A 471 -1.51 -17.62 -18.76
C ASP A 471 -2.61 -17.66 -17.71
N GLY A 472 -3.68 -18.41 -18.02
CA GLY A 472 -4.84 -18.45 -17.17
C GLY A 472 -5.54 -19.78 -17.19
N TRP A 473 -6.65 -19.87 -16.46
CA TRP A 473 -7.50 -21.04 -16.48
C TRP A 473 -8.91 -20.64 -16.03
N VAL A 474 -9.90 -21.19 -16.71
CA VAL A 474 -11.31 -20.96 -16.39
C VAL A 474 -11.88 -22.23 -15.78
N GLY A 475 -12.56 -22.06 -14.65
CA GLY A 475 -13.24 -23.18 -13.99
C GLY A 475 -14.22 -23.90 -14.91
N ASP A 476 -14.17 -25.22 -14.95
CA ASP A 476 -15.07 -26.01 -15.80
C ASP A 476 -16.21 -26.67 -14.99
N TYR A 477 -16.09 -26.82 -13.68
CA TYR A 477 -17.10 -27.44 -12.84
C TYR A 477 -16.86 -27.04 -11.39
N GLN A 478 -17.86 -27.30 -10.55
CA GLN A 478 -17.93 -26.73 -9.20
C GLN A 478 -17.20 -27.62 -8.21
N ASP A 479 -15.86 -27.57 -8.28
CA ASP A 479 -15.02 -28.33 -7.37
C ASP A 479 -13.61 -27.79 -7.45
N PRO A 480 -12.88 -27.68 -6.34
CA PRO A 480 -11.51 -27.13 -6.40
C PRO A 480 -10.60 -27.85 -7.38
N SER A 481 -10.85 -29.12 -7.67
CA SER A 481 -10.00 -29.86 -8.60
C SER A 481 -9.97 -29.22 -9.98
N THR A 482 -11.01 -28.47 -10.34
CA THR A 482 -11.09 -27.91 -11.68
C THR A 482 -9.98 -26.91 -11.95
N TYR A 483 -9.43 -26.29 -10.89
CA TYR A 483 -8.34 -25.33 -11.03
C TYR A 483 -6.97 -25.94 -10.76
N LEU A 484 -6.91 -27.17 -10.25
CA LEU A 484 -5.65 -27.80 -9.87
C LEU A 484 -5.27 -29.00 -10.73
N ASN A 485 -6.26 -29.79 -11.15
CA ASN A 485 -6.02 -30.90 -12.07
C ASN A 485 -5.28 -30.53 -13.34
N PRO A 486 -5.49 -29.37 -13.98
CA PRO A 486 -4.80 -29.10 -15.25
C PRO A 486 -3.28 -29.15 -15.16
N PHE A 487 -2.70 -29.07 -13.98
CA PHE A 487 -1.25 -29.03 -13.83
C PHE A 487 -0.68 -30.32 -13.24
N ASN A 488 -1.50 -31.36 -13.13
CA ASN A 488 -1.00 -32.64 -12.63
C ASN A 488 -0.13 -33.32 -13.67
N ALA A 489 0.85 -34.08 -13.19
CA ALA A 489 1.89 -34.64 -14.05
C ALA A 489 1.53 -36.01 -14.62
N GLU A 490 0.32 -36.52 -14.36
CA GLU A 490 -0.10 -37.74 -15.02
C GLU A 490 -0.83 -37.45 -16.33
N ASP A 491 -1.82 -36.55 -16.29
CA ASP A 491 -2.56 -36.23 -17.52
C ASP A 491 -3.08 -34.79 -17.53
N GLY A 492 -2.50 -33.87 -16.77
CA GLY A 492 -2.94 -32.50 -16.77
C GLY A 492 -2.80 -31.85 -18.13
N PHE A 493 -3.87 -31.22 -18.61
CA PHE A 493 -3.84 -30.64 -19.95
C PHE A 493 -2.83 -29.51 -20.05
N TYR A 494 -2.60 -28.79 -18.95
CA TYR A 494 -1.66 -27.65 -18.90
C TYR A 494 -0.27 -28.03 -18.37
N LEU A 495 0.03 -29.31 -18.24
CA LEU A 495 1.39 -29.71 -17.89
C LEU A 495 2.38 -29.18 -18.94
N LYS A 496 1.91 -28.96 -20.16
CA LYS A 496 2.78 -28.54 -21.25
C LYS A 496 3.34 -27.13 -21.03
N ILE A 497 2.61 -26.27 -20.31
CA ILE A 497 3.08 -24.89 -20.12
C ILE A 497 4.38 -24.85 -19.32
N PHE A 498 4.66 -25.89 -18.52
CA PHE A 498 5.94 -26.02 -17.85
C PHE A 498 7.03 -26.58 -18.76
N GLY A 499 6.70 -26.87 -20.03
CA GLY A 499 7.61 -27.54 -20.92
C GLY A 499 7.75 -29.02 -20.68
N LEU A 500 6.86 -29.61 -19.89
CA LEU A 500 6.98 -31.00 -19.46
C LEU A 500 5.96 -31.87 -20.17
N ASP A 501 6.39 -33.09 -20.49
CA ASP A 501 5.54 -34.12 -21.06
C ASP A 501 5.46 -35.28 -20.09
N ALA A 502 4.25 -35.82 -19.91
CA ALA A 502 4.03 -36.81 -18.85
C ALA A 502 4.82 -38.09 -19.08
N LYS A 503 5.12 -38.42 -20.34
CA LYS A 503 5.83 -39.66 -20.62
C LYS A 503 7.35 -39.46 -20.64
N GLU A 504 7.83 -38.46 -21.38
CA GLU A 504 9.26 -38.33 -21.66
C GLU A 504 10.03 -37.64 -20.55
N ASP A 505 9.37 -36.97 -19.61
CA ASP A 505 10.05 -36.12 -18.63
C ASP A 505 9.80 -36.57 -17.19
N LYS A 506 9.67 -37.88 -16.98
CA LYS A 506 9.22 -38.36 -15.67
C LYS A 506 10.25 -38.18 -14.57
N GLU A 507 11.54 -38.19 -14.92
CA GLU A 507 12.55 -38.01 -13.87
C GLU A 507 12.68 -36.54 -13.46
N LYS A 508 12.51 -35.62 -14.41
CA LYS A 508 12.46 -34.21 -14.04
C LYS A 508 11.17 -33.89 -13.27
N ILE A 509 10.07 -34.54 -13.65
CA ILE A 509 8.82 -34.40 -12.91
C ILE A 509 9.00 -34.81 -11.46
N THR A 510 9.65 -35.95 -11.24
CA THR A 510 9.95 -36.40 -9.88
C THR A 510 10.95 -35.48 -9.20
N SER A 511 11.93 -34.98 -9.96
CA SER A 511 12.92 -34.07 -9.40
C SER A 511 12.29 -32.81 -8.83
N LEU A 512 11.21 -32.34 -9.43
CA LEU A 512 10.55 -31.12 -9.01
C LEU A 512 9.51 -31.34 -7.92
N GLY A 513 9.15 -32.59 -7.63
CA GLY A 513 8.08 -32.86 -6.70
C GLY A 513 6.70 -32.86 -7.30
N LEU A 514 6.59 -32.78 -8.64
CA LEU A 514 5.29 -32.81 -9.28
C LEU A 514 4.59 -34.16 -9.11
N ASP A 515 5.36 -35.23 -8.87
CA ASP A 515 4.73 -36.50 -8.51
C ASP A 515 4.04 -36.39 -7.16
N THR A 516 4.65 -35.68 -6.22
CA THR A 516 4.00 -35.44 -4.93
C THR A 516 2.70 -34.68 -5.12
N TYR A 517 2.72 -33.63 -5.95
CA TYR A 517 1.53 -32.83 -6.20
C TYR A 517 0.42 -33.67 -6.82
N THR A 518 0.78 -34.52 -7.80
CA THR A 518 -0.22 -35.37 -8.44
C THR A 518 -0.83 -36.35 -7.45
N LYS A 519 -0.01 -36.91 -6.55
CA LYS A 519 -0.52 -37.85 -5.57
C LYS A 519 -1.44 -37.17 -4.56
N MET A 520 -1.15 -35.91 -4.20
CA MET A 520 -2.04 -35.17 -3.32
C MET A 520 -3.41 -34.97 -3.95
N LEU A 521 -3.43 -34.65 -5.25
CA LEU A 521 -4.71 -34.50 -5.94
C LEU A 521 -5.45 -35.83 -6.03
N LYS A 522 -4.73 -36.91 -6.32
CA LYS A 522 -5.35 -38.23 -6.34
C LYS A 522 -5.88 -38.61 -4.96
N ASP A 523 -5.14 -38.25 -3.90
CA ASP A 523 -5.61 -38.49 -2.56
C ASP A 523 -6.86 -37.65 -2.25
N ALA A 524 -6.89 -36.41 -2.75
CA ALA A 524 -8.06 -35.56 -2.54
C ALA A 524 -9.27 -36.06 -3.32
N ASP A 525 -9.04 -36.57 -4.52
CA ASP A 525 -10.14 -37.00 -5.37
C ASP A 525 -10.83 -38.25 -4.86
N ARG A 526 -10.15 -39.05 -4.03
CA ARG A 526 -10.77 -40.24 -3.46
C ARG A 526 -11.78 -39.91 -2.37
N GLU A 527 -11.72 -38.71 -1.81
CA GLU A 527 -12.68 -38.26 -0.79
C GLU A 527 -13.95 -37.80 -1.49
N ASN A 528 -15.02 -38.59 -1.38
CA ASN A 528 -16.30 -38.23 -1.95
C ASN A 528 -17.46 -38.28 -0.96
N LYS A 529 -17.28 -38.85 0.23
CA LYS A 529 -18.29 -38.76 1.27
C LYS A 529 -18.12 -37.52 2.13
N ASP A 530 -16.90 -37.26 2.60
CA ASP A 530 -16.60 -36.07 3.41
C ASP A 530 -16.14 -34.97 2.45
N VAL A 531 -17.06 -34.06 2.11
CA VAL A 531 -16.77 -33.04 1.12
C VAL A 531 -15.78 -32.02 1.67
N ALA A 532 -15.93 -31.64 2.95
CA ALA A 532 -14.99 -30.71 3.55
C ALA A 532 -13.58 -31.29 3.59
N LYS A 533 -13.46 -32.58 3.91
CA LYS A 533 -12.16 -33.23 3.87
C LYS A 533 -11.60 -33.25 2.45
N ARG A 534 -12.47 -33.46 1.46
CA ARG A 534 -12.04 -33.36 0.07
C ARG A 534 -11.49 -31.96 -0.22
N TYR A 535 -12.19 -30.93 0.22
CA TYR A 535 -11.72 -29.56 0.00
C TYR A 535 -10.41 -29.31 0.73
N GLU A 536 -10.27 -29.85 1.95
CA GLU A 536 -9.05 -29.64 2.72
C GLU A 536 -7.85 -30.27 2.03
N LYS A 537 -8.04 -31.44 1.42
CA LYS A 537 -6.92 -32.09 0.74
C LYS A 537 -6.56 -31.40 -0.57
N TYR A 538 -7.55 -30.79 -1.24
CA TYR A 538 -7.22 -29.95 -2.38
C TYR A 538 -6.56 -28.65 -1.94
N ALA A 539 -6.88 -28.19 -0.72
CA ALA A 539 -6.20 -27.01 -0.18
C ALA A 539 -4.73 -27.31 0.10
N GLU A 540 -4.43 -28.53 0.56
CA GLU A 540 -3.03 -28.92 0.73
C GLU A 540 -2.29 -28.91 -0.59
N ALA A 541 -2.96 -29.36 -1.66
CA ALA A 541 -2.33 -29.35 -2.97
C ALA A 541 -2.14 -27.93 -3.49
N GLN A 542 -3.11 -27.05 -3.23
CA GLN A 542 -2.94 -25.64 -3.59
C GLN A 542 -1.79 -25.01 -2.81
N ALA A 543 -1.57 -25.45 -1.57
CA ALA A 543 -0.44 -24.95 -0.80
C ALA A 543 0.88 -25.44 -1.37
N TRP A 544 0.92 -26.66 -1.89
CA TRP A 544 2.13 -27.17 -2.51
C TRP A 544 2.49 -26.33 -3.73
N MET A 545 1.50 -26.05 -4.59
CA MET A 545 1.77 -25.32 -5.82
C MET A 545 2.23 -23.89 -5.53
N ILE A 546 1.60 -23.24 -4.55
CA ILE A 546 2.01 -21.89 -4.17
C ILE A 546 3.45 -21.90 -3.67
N ASP A 547 3.77 -22.83 -2.77
CA ASP A 547 5.07 -22.82 -2.11
C ASP A 547 6.20 -23.12 -3.10
N ASN A 548 6.00 -24.10 -3.97
CA ASN A 548 7.05 -24.51 -4.89
C ASN A 548 7.22 -23.56 -6.07
N SER A 549 6.28 -22.65 -6.29
CA SER A 549 6.47 -21.48 -7.15
C SER A 549 6.72 -21.83 -8.62
N LEU A 550 6.30 -23.01 -9.07
CA LEU A 550 6.23 -23.23 -10.51
C LEU A 550 5.13 -22.38 -11.13
N ILE A 551 4.04 -22.21 -10.38
CA ILE A 551 2.96 -21.29 -10.73
C ILE A 551 3.01 -20.13 -9.76
N MET A 552 2.74 -18.92 -10.26
CA MET A 552 2.71 -17.71 -9.44
C MET A 552 1.42 -16.96 -9.77
N SER A 553 0.38 -17.18 -8.96
CA SER A 553 -0.91 -16.56 -9.20
C SER A 553 -0.80 -15.05 -9.15
N ALA A 554 -1.64 -14.37 -9.95
CA ALA A 554 -1.50 -12.93 -10.12
C ALA A 554 -2.82 -12.18 -10.01
N MET A 555 -3.77 -12.49 -10.89
CA MET A 555 -5.02 -11.73 -10.90
CA MET A 555 -5.01 -11.71 -10.95
C MET A 555 -6.11 -12.58 -11.54
N SER A 556 -7.31 -12.03 -11.55
CA SER A 556 -8.48 -12.62 -12.18
C SER A 556 -8.93 -11.71 -13.33
N SER A 557 -9.82 -12.24 -14.17
CA SER A 557 -10.41 -11.41 -15.19
C SER A 557 -11.43 -10.46 -14.55
N GLY A 558 -11.93 -9.53 -15.37
CA GLY A 558 -12.88 -8.56 -14.86
C GLY A 558 -12.22 -7.55 -13.92
N GLY A 559 -13.06 -6.79 -13.25
CA GLY A 559 -12.59 -5.75 -12.36
C GLY A 559 -11.98 -4.55 -13.05
N THR A 560 -12.31 -4.34 -14.32
CA THR A 560 -11.76 -3.24 -15.12
C THR A 560 -12.90 -2.35 -15.62
N ALA A 561 -12.53 -1.25 -16.26
CA ALA A 561 -13.44 -0.15 -16.53
C ALA A 561 -13.93 -0.15 -17.97
N SER A 562 -15.15 0.33 -18.16
CA SER A 562 -15.78 0.38 -19.48
C SER A 562 -16.98 1.33 -19.42
N VAL A 563 -17.50 1.64 -20.61
CA VAL A 563 -18.78 2.31 -20.78
C VAL A 563 -19.63 1.43 -21.70
N THR A 564 -20.93 1.36 -21.43
CA THR A 564 -21.73 0.32 -22.04
C THR A 564 -23.18 0.75 -22.21
N LYS A 565 -23.84 0.10 -23.16
CA LYS A 565 -25.29 0.16 -23.30
C LYS A 565 -25.96 -1.15 -22.89
N VAL A 566 -25.18 -2.08 -22.34
CA VAL A 566 -25.71 -3.35 -21.86
C VAL A 566 -26.33 -3.13 -20.49
N THR A 567 -27.62 -3.45 -20.36
CA THR A 567 -28.28 -3.38 -19.07
C THR A 567 -27.62 -4.37 -18.12
N PRO A 568 -27.12 -3.93 -16.96
CA PRO A 568 -26.24 -4.79 -16.17
C PRO A 568 -26.99 -5.94 -15.49
N PHE A 569 -26.27 -7.06 -15.33
CA PHE A 569 -26.73 -8.20 -14.54
C PHE A 569 -28.00 -8.82 -15.11
N THR A 570 -28.11 -8.83 -16.44
CA THR A 570 -29.15 -9.57 -17.12
C THR A 570 -28.65 -10.82 -17.83
N ARG A 571 -27.38 -10.82 -18.23
CA ARG A 571 -26.82 -11.96 -18.95
C ARG A 571 -26.67 -13.17 -18.02
N GLY A 572 -26.51 -14.34 -18.64
CA GLY A 572 -26.21 -15.53 -17.86
C GLY A 572 -24.90 -15.37 -17.10
N TYR A 573 -24.86 -15.98 -15.92
CA TYR A 573 -23.75 -15.81 -15.00
C TYR A 573 -23.38 -17.14 -14.38
N SER A 574 -22.08 -17.40 -14.23
CA SER A 574 -21.63 -18.65 -13.64
C SER A 574 -20.19 -18.53 -13.21
N LEU A 575 -19.83 -19.34 -12.21
CA LEU A 575 -18.43 -19.46 -11.80
C LEU A 575 -17.66 -20.46 -12.64
N VAL A 576 -18.35 -21.36 -13.34
CA VAL A 576 -17.72 -22.40 -14.14
C VAL A 576 -18.53 -22.59 -15.42
N GLY A 577 -17.92 -23.27 -16.38
CA GLY A 577 -18.60 -23.57 -17.63
C GLY A 577 -18.54 -22.44 -18.63
N ILE A 578 -19.18 -22.66 -19.77
CA ILE A 578 -19.16 -21.73 -20.89
C ILE A 578 -20.47 -20.98 -21.06
N LYS A 579 -21.45 -21.23 -20.19
CA LYS A 579 -22.79 -20.66 -20.37
C LYS A 579 -23.05 -19.47 -19.46
N GLY A 580 -22.04 -18.97 -18.75
CA GLY A 580 -22.28 -17.90 -17.81
C GLY A 580 -21.23 -16.79 -17.82
N ASP A 581 -20.89 -16.28 -19.01
CA ASP A 581 -19.95 -15.18 -19.14
C ASP A 581 -20.50 -14.15 -20.12
N GLY A 582 -19.69 -13.13 -20.40
CA GLY A 582 -20.08 -12.04 -21.29
C GLY A 582 -20.19 -12.42 -22.75
N ASN A 583 -19.90 -13.67 -23.11
CA ASN A 583 -20.09 -14.13 -24.48
C ASN A 583 -21.44 -14.78 -24.71
N ASN A 584 -22.27 -14.90 -23.67
CA ASN A 584 -23.60 -15.50 -23.78
C ASN A 584 -24.61 -14.37 -23.94
N TYR A 585 -25.09 -14.18 -25.17
CA TYR A 585 -25.98 -13.09 -25.51
C TYR A 585 -27.44 -13.42 -25.32
N LYS A 586 -27.77 -14.66 -24.95
CA LYS A 586 -29.16 -15.10 -24.89
C LYS A 586 -29.99 -14.22 -23.96
N TYR A 587 -29.53 -14.05 -22.72
CA TYR A 587 -30.27 -13.27 -21.73
C TYR A 587 -29.82 -11.81 -21.67
N MET A 588 -28.80 -11.44 -22.43
CA MET A 588 -28.30 -10.08 -22.41
C MET A 588 -29.33 -9.12 -23.01
N LYS A 589 -29.41 -7.92 -22.45
CA LYS A 589 -30.35 -6.90 -22.90
C LYS A 589 -29.66 -5.56 -23.05
N LEU A 590 -30.04 -4.82 -24.08
CA LEU A 590 -29.47 -3.52 -24.39
C LEU A 590 -30.47 -2.42 -24.13
N GLN A 591 -29.96 -1.23 -23.79
CA GLN A 591 -30.78 -0.05 -23.56
C GLN A 591 -30.29 1.09 -24.44
N LYS A 592 -31.17 2.06 -24.66
CA LYS A 592 -30.85 3.17 -25.56
C LYS A 592 -29.83 4.12 -24.94
N ASP A 593 -30.03 4.49 -23.68
CA ASP A 593 -29.14 5.41 -22.99
C ASP A 593 -27.95 4.66 -22.41
N THR A 594 -26.82 5.36 -22.33
CA THR A 594 -25.60 4.77 -21.76
C THR A 594 -25.80 4.52 -20.28
N VAL A 595 -25.38 3.34 -19.81
CA VAL A 595 -25.49 2.98 -18.40
C VAL A 595 -24.74 4.00 -17.56
N THR A 596 -25.39 4.48 -16.51
CA THR A 596 -24.76 5.39 -15.56
C THR A 596 -24.14 4.61 -14.41
N THR A 597 -23.12 5.20 -13.79
CA THR A 597 -22.54 4.58 -12.60
C THR A 597 -23.57 4.43 -11.49
N LYS A 598 -24.52 5.37 -11.41
CA LYS A 598 -25.61 5.26 -10.44
C LYS A 598 -26.48 4.04 -10.72
N GLN A 599 -26.86 3.86 -11.99
CA GLN A 599 -27.69 2.72 -12.35
C GLN A 599 -26.96 1.41 -12.13
N PHE A 600 -25.67 1.36 -12.47
CA PHE A 600 -24.90 0.12 -12.35
C PHE A 600 -24.72 -0.29 -10.89
N GLU A 601 -24.31 0.65 -10.04
CA GLU A 601 -24.06 0.32 -8.64
C GLU A 601 -25.33 -0.05 -7.91
N GLU A 602 -26.47 0.53 -8.30
CA GLU A 602 -27.74 0.14 -7.70
C GLU A 602 -28.17 -1.24 -8.19
N ALA A 603 -27.93 -1.55 -9.47
CA ALA A 603 -28.26 -2.87 -9.98
C ALA A 603 -27.38 -3.94 -9.34
N LYS A 604 -26.11 -3.62 -9.09
CA LYS A 604 -25.21 -4.59 -8.45
C LYS A 604 -25.68 -4.91 -7.03
N SER A 605 -26.11 -3.89 -6.28
CA SER A 605 -26.59 -4.12 -4.93
C SER A 605 -27.80 -5.04 -4.92
N LYS A 606 -28.78 -4.77 -5.79
CA LYS A 606 -29.96 -5.60 -5.85
C LYS A 606 -29.66 -6.97 -6.43
N TRP A 607 -28.80 -7.03 -7.46
CA TRP A 607 -28.39 -8.33 -7.98
C TRP A 607 -27.70 -9.16 -6.91
N GLU A 608 -26.94 -8.50 -6.03
CA GLU A 608 -26.31 -9.22 -4.92
C GLU A 608 -27.35 -9.82 -4.00
N GLN A 609 -28.34 -9.02 -3.59
CA GLN A 609 -29.39 -9.53 -2.73
C GLN A 609 -30.19 -10.63 -3.41
N GLU A 610 -30.68 -10.36 -4.63
CA GLU A 610 -31.57 -11.31 -5.30
C GLU A 610 -30.86 -12.60 -5.68
N SER A 611 -29.56 -12.55 -5.95
CA SER A 611 -28.82 -13.77 -6.29
C SER A 611 -28.71 -14.68 -5.07
N LYS A 612 -28.48 -14.11 -3.90
CA LYS A 612 -28.36 -14.95 -2.70
C LYS A 612 -29.70 -15.55 -2.32
N LYS A 613 -30.77 -14.77 -2.41
CA LYS A 613 -32.10 -15.35 -2.24
C LYS A 613 -32.37 -16.41 -3.31
N ALA A 614 -32.00 -16.14 -4.56
CA ALA A 614 -32.25 -17.11 -5.62
C ALA A 614 -31.38 -18.36 -5.49
N ILE A 615 -30.14 -18.21 -4.99
CA ILE A 615 -29.27 -19.37 -4.83
C ILE A 615 -29.75 -20.26 -3.69
N GLU A 616 -30.26 -19.63 -2.62
CA GLU A 616 -30.84 -20.41 -1.52
C GLU A 616 -32.01 -21.27 -1.99
N LYS A 617 -32.95 -20.63 -2.67
CA LYS A 617 -34.15 -21.32 -3.15
C LYS A 617 -33.82 -22.46 -4.12
N ALA A 618 -32.86 -22.24 -5.01
CA ALA A 618 -32.48 -23.26 -5.97
C ALA A 618 -31.77 -24.44 -5.31
N GLN A 619 -31.03 -24.17 -4.24
CA GLN A 619 -30.41 -25.27 -3.50
C GLN A 619 -31.46 -26.12 -2.80
N LYS A 620 -32.51 -25.49 -2.26
CA LYS A 620 -33.58 -26.26 -1.64
C LYS A 620 -34.45 -26.96 -2.69
N GLU A 621 -34.75 -26.25 -3.78
CA GLU A 621 -35.53 -26.85 -4.86
C GLU A 621 -34.79 -28.02 -5.49
N ALA A 622 -33.45 -28.00 -5.47
CA ALA A 622 -32.69 -29.09 -6.07
C ALA A 622 -32.97 -30.41 -5.38
N GLU A 623 -33.31 -30.38 -4.09
CA GLU A 623 -33.63 -31.61 -3.37
C GLU A 623 -34.88 -32.29 -3.92
N LYS A 624 -35.76 -31.53 -4.59
CA LYS A 624 -36.94 -32.11 -5.22
C LYS A 624 -36.59 -33.05 -6.38
N HIS A 625 -35.34 -33.03 -6.85
CA HIS A 625 -34.92 -33.84 -7.98
C HIS A 625 -34.23 -35.13 -7.58
N VAL A 626 -34.07 -35.38 -6.27
CA VAL A 626 -33.34 -36.56 -5.80
C VAL A 626 -34.17 -37.83 -5.92
N LYS A 627 -35.43 -37.73 -6.33
CA LYS A 627 -36.30 -38.89 -6.54
C LYS A 627 -35.61 -40.05 -7.25
N PHE B 1 -10.97 -24.59 -18.29
CA PHE B 1 -10.46 -24.63 -19.65
C PHE B 1 -9.53 -23.45 -19.95
N PRO B 2 -8.74 -23.56 -21.00
CA PRO B 2 -7.84 -22.46 -21.38
C PRO B 2 -8.60 -21.17 -21.58
N PRO B 3 -8.02 -20.04 -21.20
CA PRO B 3 -8.75 -18.77 -21.24
C PRO B 3 -8.75 -18.16 -22.62
N GLN B 4 -9.52 -17.08 -22.74
CA GLN B 4 -9.57 -16.25 -23.94
C GLN B 4 -8.34 -15.34 -24.01
N SER B 5 -8.17 -14.70 -25.17
CA SER B 5 -7.42 -13.45 -25.32
C SER B 5 -6.04 -13.50 -24.67
N VAL B 6 -5.39 -14.65 -24.71
CA VAL B 6 -4.16 -14.83 -23.97
C VAL B 6 -3.00 -15.06 -24.93
N ASP C 4 38.84 4.98 16.82
CA ASP C 4 39.09 5.35 18.21
C ASP C 4 37.84 5.97 18.83
N THR C 5 37.66 5.75 20.14
CA THR C 5 36.40 6.05 20.83
C THR C 5 36.29 7.47 21.34
N LYS C 6 37.31 8.31 21.14
CA LYS C 6 37.31 9.64 21.74
C LYS C 6 36.79 10.73 20.81
N THR C 7 36.57 10.43 19.53
CA THR C 7 36.16 11.42 18.55
C THR C 7 34.87 10.97 17.87
N TYR C 8 33.80 11.72 18.08
CA TYR C 8 32.55 11.51 17.37
C TYR C 8 32.56 12.36 16.11
N SER C 9 32.43 11.72 14.96
CA SER C 9 32.48 12.38 13.66
C SER C 9 31.19 12.10 12.91
N SER C 10 30.48 13.17 12.55
CA SER C 10 29.21 13.01 11.82
C SER C 10 28.94 14.30 11.04
N THR C 11 27.67 14.59 10.80
CA THR C 11 27.25 15.71 9.97
C THR C 11 26.21 16.54 10.71
N PHE C 12 25.96 17.73 10.19
CA PHE C 12 24.82 18.54 10.57
C PHE C 12 24.21 19.14 9.32
N SER C 13 22.88 19.29 9.34
CA SER C 13 22.14 19.75 8.16
C SER C 13 21.47 21.10 8.34
N GLY C 14 21.25 21.56 9.58
CA GLY C 14 20.65 22.83 9.84
C GLY C 14 21.68 23.87 10.23
N ASN C 15 21.71 24.96 9.49
CA ASN C 15 22.65 26.03 9.80
C ASN C 15 22.11 26.90 10.92
N PRO C 16 22.77 26.97 12.06
CA PRO C 16 22.30 27.85 13.13
C PRO C 16 22.41 29.31 12.74
N THR C 17 21.57 30.13 13.38
CA THR C 17 21.55 31.56 13.12
C THR C 17 22.02 32.39 14.30
N THR C 18 22.01 31.84 15.51
CA THR C 18 22.39 32.61 16.70
C THR C 18 22.68 31.65 17.84
N PHE C 19 23.64 32.05 18.68
CA PHE C 19 23.94 31.34 19.93
C PHE C 19 23.31 32.02 21.14
N ASN C 20 22.44 33.00 20.92
CA ASN C 20 21.73 33.67 22.02
C ASN C 20 20.65 32.71 22.52
N TYR C 21 21.04 31.86 23.47
CA TYR C 21 20.14 30.81 23.94
C TYR C 21 18.99 31.35 24.77
N LEU C 22 19.06 32.60 25.23
CA LEU C 22 17.98 33.18 26.00
C LEU C 22 16.89 33.80 25.14
N LEU C 23 17.20 34.20 23.92
CA LEU C 23 16.21 34.87 23.05
C LEU C 23 15.73 33.96 21.94
N ASP C 24 16.49 32.92 21.59
CA ASP C 24 16.09 32.04 20.47
C ASP C 24 15.95 30.58 20.90
N TYR C 25 14.88 29.90 20.51
CA TYR C 25 14.74 28.47 20.88
C TYR C 25 14.62 27.52 19.69
N TYR C 26 14.96 27.95 18.49
CA TYR C 26 14.93 27.04 17.32
C TYR C 26 15.96 25.94 17.60
N ALA C 27 15.58 24.71 17.35
CA ALA C 27 16.41 23.53 17.65
C ALA C 27 17.76 23.58 16.92
N ASP C 28 17.83 24.15 15.73
CA ASP C 28 19.12 24.26 15.03
C ASP C 28 20.15 24.99 15.88
N ASN C 29 19.71 25.91 16.73
CA ASN C 29 20.59 26.65 17.61
C ASN C 29 20.82 25.93 18.94
N THR C 30 19.74 25.45 19.57
CA THR C 30 19.87 24.83 20.89
C THR C 30 20.49 23.44 20.82
N ALA C 31 20.45 22.78 19.66
CA ALA C 31 21.18 21.52 19.51
C ALA C 31 22.68 21.70 19.64
N ILE C 32 23.16 22.93 19.44
CA ILE C 32 24.56 23.26 19.72
C ILE C 32 24.73 23.77 21.14
N ILE C 33 23.80 24.62 21.58
CA ILE C 33 23.91 25.26 22.89
C ILE C 33 23.90 24.22 24.01
N THR C 34 23.12 23.15 23.83
CA THR C 34 22.95 22.18 24.91
C THR C 34 24.27 21.53 25.32
N ASN C 35 25.24 21.47 24.41
CA ASN C 35 26.56 20.94 24.75
C ASN C 35 27.46 21.98 25.39
N LEU C 36 27.07 23.25 25.36
CA LEU C 36 27.93 24.34 25.80
C LEU C 36 27.45 25.01 27.08
N VAL C 37 26.15 25.04 27.34
CA VAL C 37 25.58 25.71 28.50
C VAL C 37 24.71 24.71 29.25
N ASP C 38 24.91 24.63 30.55
CA ASP C 38 24.08 23.81 31.42
C ASP C 38 23.04 24.65 32.14
N GLY C 39 21.89 24.03 32.41
CA GLY C 39 20.86 24.64 33.21
C GLY C 39 20.78 24.06 34.60
N LEU C 40 19.63 24.26 35.25
CA LEU C 40 19.44 23.72 36.60
C LEU C 40 19.44 22.19 36.58
N LEU C 41 18.74 21.59 35.62
CA LEU C 41 18.58 20.15 35.57
C LEU C 41 18.91 19.64 34.17
N GLU C 42 19.04 18.32 34.06
CA GLU C 42 19.24 17.65 32.78
C GLU C 42 18.53 16.30 32.86
N ASN C 43 18.84 15.42 31.91
CA ASN C 43 18.15 14.13 31.81
C ASN C 43 19.17 13.00 31.81
N ASP C 44 18.83 11.93 32.53
CA ASP C 44 19.60 10.70 32.45
C ASP C 44 19.24 9.96 31.17
N ASN C 45 19.82 8.77 30.98
CA ASN C 45 19.53 7.98 29.80
C ASN C 45 18.18 7.29 29.86
N HIS C 46 17.45 7.42 30.98
CA HIS C 46 16.14 6.80 31.14
C HIS C 46 14.99 7.78 30.96
N GLY C 47 15.26 9.08 30.91
CA GLY C 47 14.22 10.08 30.80
C GLY C 47 13.97 10.87 32.07
N ASN C 48 14.55 10.46 33.19
CA ASN C 48 14.33 11.17 34.44
C ASN C 48 15.08 12.49 34.46
N LEU C 49 14.56 13.43 35.23
CA LEU C 49 15.26 14.68 35.48
C LEU C 49 16.30 14.47 36.57
N VAL C 50 17.53 14.91 36.30
CA VAL C 50 18.66 14.66 37.20
C VAL C 50 19.38 15.97 37.44
N PRO C 51 20.18 16.05 38.51
CA PRO C 51 20.89 17.31 38.78
C PRO C 51 21.82 17.72 37.65
N SER C 52 21.87 19.03 37.40
CA SER C 52 22.86 19.62 36.52
C SER C 52 23.67 20.65 37.28
N LEU C 53 23.40 21.94 37.04
CA LEU C 53 24.03 22.97 37.86
C LEU C 53 23.48 22.95 39.29
N ALA C 54 22.21 22.61 39.45
CA ALA C 54 21.61 22.49 40.77
C ALA C 54 21.85 21.08 41.30
N GLU C 55 22.50 20.98 42.46
CA GLU C 55 22.72 19.70 43.11
C GLU C 55 21.56 19.27 43.99
N ASP C 56 20.69 20.21 44.38
CA ASP C 56 19.53 19.89 45.18
C ASP C 56 18.42 20.88 44.84
N TRP C 57 17.18 20.45 45.04
CA TRP C 57 16.02 21.29 44.77
C TRP C 57 14.91 20.95 45.75
N SER C 58 14.03 21.92 45.97
CA SER C 58 12.87 21.73 46.82
C SER C 58 11.69 22.48 46.24
N VAL C 59 10.49 22.00 46.55
CA VAL C 59 9.24 22.66 46.19
C VAL C 59 8.37 22.73 47.43
N SER C 60 7.70 23.87 47.63
CA SER C 60 6.88 24.05 48.81
C SER C 60 5.63 23.18 48.71
N SER C 61 4.94 23.03 49.85
CA SER C 61 3.79 22.13 49.92
C SER C 61 2.65 22.60 49.02
N ASP C 62 2.51 23.91 48.83
CA ASP C 62 1.49 24.42 47.91
C ASP C 62 1.93 24.34 46.45
N GLY C 63 3.17 23.94 46.19
CA GLY C 63 3.67 23.82 44.83
C GLY C 63 4.02 25.12 44.14
N LEU C 64 4.12 26.22 44.89
CA LEU C 64 4.32 27.53 44.28
C LEU C 64 5.76 28.04 44.34
N THR C 65 6.60 27.46 45.19
CA THR C 65 7.95 27.97 45.41
C THR C 65 8.96 26.86 45.15
N TYR C 66 9.76 27.02 44.10
CA TYR C 66 10.84 26.10 43.77
C TYR C 66 12.17 26.73 44.16
N THR C 67 12.96 26.00 44.93
CA THR C 67 14.26 26.46 45.39
C THR C 67 15.33 25.49 44.90
N TYR C 68 16.40 26.03 44.32
CA TYR C 68 17.50 25.23 43.81
C TYR C 68 18.79 25.69 44.45
N LYS C 69 19.64 24.74 44.81
CA LYS C 69 20.96 25.02 45.35
C LYS C 69 22.02 24.65 44.31
N LEU C 70 22.81 25.64 43.89
CA LEU C 70 23.81 25.43 42.86
C LEU C 70 25.08 24.85 43.45
N ARG C 71 25.65 23.87 42.76
CA ARG C 71 26.88 23.26 43.24
C ARG C 71 28.02 24.25 43.16
N LYS C 72 28.97 24.11 44.10
CA LYS C 72 29.98 25.14 44.29
C LYS C 72 31.03 25.14 43.19
N ASP C 73 31.26 24.00 42.55
CA ASP C 73 32.28 23.90 41.50
C ASP C 73 31.73 24.19 40.11
N ALA C 74 30.53 24.76 40.01
CA ALA C 74 29.98 25.17 38.73
C ALA C 74 30.59 26.49 38.30
N LYS C 75 31.15 26.54 37.10
CA LYS C 75 31.93 27.69 36.65
C LYS C 75 31.53 28.10 35.25
N TRP C 76 31.74 29.39 34.96
CA TRP C 76 31.71 29.90 33.60
C TRP C 76 33.11 29.87 33.01
N PHE C 77 33.21 29.48 31.74
CA PHE C 77 34.47 29.45 31.03
C PHE C 77 34.35 30.24 29.74
N THR C 78 35.48 30.82 29.32
CA THR C 78 35.56 31.41 27.99
C THR C 78 35.77 30.29 26.96
N ALA C 79 35.69 30.66 25.68
CA ALA C 79 35.78 29.69 24.61
C ALA C 79 37.13 28.98 24.61
N ASP C 80 38.19 29.67 25.03
CA ASP C 80 39.52 29.07 25.06
C ASP C 80 39.72 28.14 26.25
N GLY C 81 38.74 28.06 27.16
CA GLY C 81 38.81 27.15 28.29
C GLY C 81 39.18 27.79 29.60
N GLU C 82 39.51 29.08 29.62
CA GLU C 82 39.88 29.74 30.85
C GLU C 82 38.66 29.99 31.73
N GLU C 83 38.82 29.76 33.02
CA GLU C 83 37.75 30.05 33.97
C GLU C 83 37.48 31.55 34.00
N TYR C 84 36.21 31.92 33.80
CA TYR C 84 35.82 33.32 33.84
C TYR C 84 35.28 33.74 35.20
N SER C 85 34.37 32.95 35.76
CA SER C 85 33.74 33.24 37.05
C SER C 85 32.89 32.05 37.47
N PRO C 86 32.75 31.79 38.77
CA PRO C 86 31.79 30.77 39.22
C PRO C 86 30.36 31.20 38.90
N VAL C 87 29.51 30.21 38.64
CA VAL C 87 28.10 30.49 38.39
C VAL C 87 27.44 30.91 39.70
N LYS C 88 26.71 32.02 39.66
CA LYS C 88 25.98 32.51 40.82
C LYS C 88 24.48 32.43 40.57
N ALA C 89 23.73 32.47 41.68
CA ALA C 89 22.27 32.45 41.58
C ALA C 89 21.74 33.69 40.88
N GLN C 90 22.46 34.81 40.97
CA GLN C 90 22.06 36.03 40.27
C GLN C 90 22.09 35.85 38.75
N ASP C 91 22.87 34.89 38.25
CA ASP C 91 22.91 34.64 36.81
C ASP C 91 21.55 34.15 36.30
N PHE C 92 20.77 33.50 37.15
CA PHE C 92 19.43 33.07 36.75
C PHE C 92 18.42 34.20 36.79
N VAL C 93 18.57 35.12 37.75
CA VAL C 93 17.75 36.34 37.74
C VAL C 93 18.09 37.18 36.51
N THR C 94 19.38 37.24 36.16
CA THR C 94 19.79 37.98 34.97
C THR C 94 19.21 37.36 33.71
N GLY C 95 19.15 36.04 33.65
CA GLY C 95 18.65 35.38 32.44
C GLY C 95 17.19 35.68 32.17
N ILE C 96 16.37 35.67 33.23
CA ILE C 96 14.94 35.93 33.04
C ILE C 96 14.70 37.37 32.62
N LYS C 97 15.33 38.33 33.33
CA LYS C 97 15.13 39.73 33.00
C LYS C 97 15.60 40.04 31.59
N TYR C 98 16.75 39.48 31.19
CA TYR C 98 17.26 39.73 29.84
C TYR C 98 16.35 39.11 28.78
N ALA C 99 15.91 37.87 29.01
CA ALA C 99 15.04 37.21 28.03
C ALA C 99 13.70 37.92 27.91
N VAL C 100 13.18 38.44 29.03
CA VAL C 100 11.88 39.10 29.01
C VAL C 100 12.00 40.50 28.41
N ASP C 101 13.02 41.26 28.81
CA ASP C 101 13.18 42.62 28.31
C ASP C 101 13.43 42.67 26.81
N ASN C 102 13.95 41.58 26.23
CA ASN C 102 14.27 41.54 24.80
C ASN C 102 13.35 40.61 24.02
N LYS C 103 12.17 40.30 24.58
CA LYS C 103 11.10 39.62 23.85
C LYS C 103 11.57 38.30 23.24
N SER C 104 12.01 37.40 24.12
CA SER C 104 12.54 36.11 23.67
C SER C 104 11.45 35.29 22.99
N GLN C 105 11.87 34.49 22.01
CA GLN C 105 10.93 33.64 21.29
C GLN C 105 10.21 32.67 22.24
N ALA C 106 10.86 32.30 23.34
CA ALA C 106 10.35 31.33 24.28
C ALA C 106 9.67 31.97 25.48
N ILE C 107 9.25 33.23 25.37
CA ILE C 107 8.71 33.92 26.52
C ILE C 107 7.41 33.29 27.02
N ASP C 108 6.74 32.56 26.15
CA ASP C 108 5.47 31.86 26.44
C ASP C 108 5.65 30.83 27.55
N LEU C 109 6.84 30.26 27.71
CA LEU C 109 7.13 29.24 28.72
C LEU C 109 7.02 29.79 30.14
N ILE C 110 7.41 31.04 30.34
CA ILE C 110 7.46 31.64 31.69
C ILE C 110 6.49 32.80 31.91
N GLN C 111 5.89 33.34 30.84
CA GLN C 111 5.16 34.61 30.96
C GLN C 111 4.06 34.53 32.01
N ASN C 112 3.22 33.48 31.94
CA ASN C 112 2.10 33.33 32.86
C ASN C 112 2.38 32.31 33.96
N SER C 113 3.62 31.87 34.11
CA SER C 113 3.99 30.90 35.15
C SER C 113 4.71 31.54 36.32
N ILE C 114 5.72 32.36 36.06
CA ILE C 114 6.43 33.03 37.14
C ILE C 114 5.56 34.15 37.70
N LYS C 115 5.46 34.21 39.03
CA LYS C 115 4.58 35.18 39.67
C LYS C 115 5.04 36.60 39.37
N GLY C 116 4.09 37.43 38.96
CA GLY C 116 4.35 38.83 38.67
C GLY C 116 5.04 39.11 37.35
N LEU C 117 5.40 38.07 36.58
CA LEU C 117 6.10 38.30 35.33
C LEU C 117 5.18 38.91 34.27
N ASN C 118 3.93 38.44 34.19
CA ASN C 118 3.01 38.96 33.20
C ASN C 118 2.76 40.45 33.41
N ASP C 119 2.55 40.87 34.66
CA ASP C 119 2.35 42.28 34.94
C ASP C 119 3.61 43.10 34.73
N TYR C 120 4.79 42.47 34.75
CA TYR C 120 6.00 43.17 34.37
C TYR C 120 6.13 43.29 32.86
N ILE C 121 5.78 42.21 32.14
CA ILE C 121 5.87 42.24 30.68
C ILE C 121 4.88 43.24 30.11
N THR C 122 3.63 43.19 30.58
CA THR C 122 2.59 44.08 30.08
C THR C 122 2.81 45.53 30.47
N GLY C 123 3.80 45.83 31.29
CA GLY C 123 4.06 47.19 31.73
C GLY C 123 3.14 47.71 32.81
N ALA C 124 2.37 46.83 33.45
CA ALA C 124 1.53 47.27 34.58
C ALA C 124 2.39 47.59 35.78
N ASP C 125 3.35 46.72 36.10
CA ASP C 125 4.26 46.92 37.22
C ASP C 125 5.69 46.89 36.69
N SER C 126 6.34 48.06 36.69
CA SER C 126 7.64 48.25 36.06
C SER C 126 8.80 47.76 36.89
N ASP C 127 8.56 47.24 38.09
CA ASP C 127 9.63 46.95 39.04
C ASP C 127 9.83 45.44 39.16
N PHE C 128 10.88 44.94 38.53
CA PHE C 128 11.26 43.52 38.55
C PHE C 128 11.46 42.97 39.95
N SER C 129 11.51 43.83 40.97
CA SER C 129 11.59 43.36 42.35
C SER C 129 10.48 42.38 42.68
N LYS C 130 9.31 42.54 42.09
CA LYS C 130 8.15 41.71 42.43
C LYS C 130 7.90 40.59 41.43
N VAL C 131 8.87 40.26 40.58
CA VAL C 131 8.78 39.08 39.72
C VAL C 131 9.38 37.91 40.48
N GLY C 132 8.72 36.76 40.41
CA GLY C 132 9.07 35.62 41.24
C GLY C 132 10.31 34.85 40.84
N VAL C 133 11.44 35.53 40.69
CA VAL C 133 12.74 34.86 40.62
C VAL C 133 13.71 35.65 41.49
N LYS C 134 14.40 34.95 42.38
CA LYS C 134 15.22 35.62 43.40
C LYS C 134 16.50 34.83 43.62
N ALA C 135 17.58 35.55 43.86
CA ALA C 135 18.84 34.97 44.29
C ALA C 135 18.90 35.12 45.80
N ILE C 136 18.54 34.05 46.52
CA ILE C 136 18.57 34.07 47.98
C ILE C 136 19.98 34.37 48.47
N ASP C 137 20.94 33.54 48.07
CA ASP C 137 22.35 33.86 48.21
C ASP C 137 23.03 33.47 46.90
N ASP C 138 24.36 33.38 46.92
CA ASP C 138 25.10 33.07 45.69
C ASP C 138 24.83 31.67 45.18
N GLN C 139 24.40 30.74 46.05
CA GLN C 139 24.21 29.35 45.68
C GLN C 139 22.74 28.93 45.68
N THR C 140 21.81 29.85 45.88
CA THR C 140 20.40 29.50 46.07
C THR C 140 19.52 30.34 45.15
N VAL C 141 18.76 29.66 44.28
CA VAL C 141 17.83 30.30 43.36
C VAL C 141 16.41 29.93 43.77
N GLU C 142 15.53 30.93 43.77
CA GLU C 142 14.14 30.73 44.18
C GLU C 142 13.21 31.25 43.10
N TYR C 143 12.35 30.38 42.57
CA TYR C 143 11.28 30.75 41.67
C TYR C 143 9.95 30.67 42.41
N THR C 144 9.11 31.68 42.25
CA THR C 144 7.77 31.67 42.80
C THR C 144 6.78 31.73 41.63
N LEU C 145 5.87 30.76 41.60
CA LEU C 145 4.96 30.60 40.47
C LEU C 145 3.61 31.24 40.76
N ALA C 146 2.85 31.46 39.70
CA ALA C 146 1.51 32.07 39.77
C ALA C 146 0.49 30.98 40.06
N ARG C 147 0.84 29.75 39.77
CA ARG C 147 -0.04 28.60 40.00
C ARG C 147 0.82 27.33 40.03
N PRO C 148 0.38 26.23 40.64
CA PRO C 148 1.14 25.02 40.62
C PRO C 148 1.36 24.50 39.21
N GLU C 149 2.57 24.00 38.96
CA GLU C 149 2.94 23.38 37.69
C GLU C 149 3.78 22.15 37.98
N PRO C 150 3.19 20.95 37.95
CA PRO C 150 4.00 19.74 38.13
C PRO C 150 5.08 19.58 37.07
N TYR C 151 4.91 20.22 35.91
CA TYR C 151 5.86 20.16 34.82
C TYR C 151 6.89 21.27 34.87
N TRP C 152 6.95 22.04 35.95
CA TRP C 152 7.86 23.18 36.00
C TRP C 152 9.31 22.75 35.88
N ASN C 153 9.71 21.72 36.65
CA ASN C 153 11.08 21.23 36.57
C ASN C 153 11.43 20.79 35.16
N SER C 154 10.45 20.25 34.42
CA SER C 154 10.69 19.93 33.02
C SER C 154 11.03 21.17 32.21
N LYS C 155 10.49 22.33 32.59
CA LYS C 155 10.75 23.56 31.82
C LYS C 155 12.20 24.00 31.92
N THR C 156 12.88 23.65 33.02
CA THR C 156 14.25 24.11 33.22
C THR C 156 15.24 23.50 32.24
N THR C 157 14.85 22.48 31.48
CA THR C 157 15.68 21.94 30.42
C THR C 157 15.55 22.71 29.11
N ASN C 158 15.01 23.93 29.16
CA ASN C 158 14.94 24.82 28.01
C ASN C 158 15.86 26.01 28.27
N SER C 159 16.44 26.54 27.18
CA SER C 159 17.54 27.49 27.33
C SER C 159 17.09 28.85 27.84
N ILE C 160 15.80 29.18 27.75
CA ILE C 160 15.33 30.45 28.31
C ILE C 160 15.48 30.47 29.82
N LEU C 161 15.57 29.30 30.45
CA LEU C 161 15.80 29.20 31.89
C LEU C 161 17.25 28.92 32.24
N PHE C 162 18.17 29.13 31.28
CA PHE C 162 19.60 28.95 31.54
C PHE C 162 20.19 30.24 32.10
N PRO C 163 21.26 30.15 32.89
CA PRO C 163 21.84 31.36 33.50
C PRO C 163 22.74 32.10 32.51
N VAL C 164 23.08 33.33 32.88
CA VAL C 164 24.01 34.15 32.11
C VAL C 164 24.70 35.11 33.07
N ASN C 165 26.00 35.29 32.87
CA ASN C 165 26.79 36.22 33.67
C ASN C 165 26.46 37.65 33.25
N GLU C 166 26.06 38.48 34.21
CA GLU C 166 25.58 39.81 33.87
C GLU C 166 26.70 40.72 33.37
N GLU C 167 27.89 40.62 33.96
CA GLU C 167 28.99 41.47 33.53
C GLU C 167 29.42 41.12 32.11
N PHE C 168 29.54 39.82 31.80
CA PHE C 168 29.83 39.41 30.44
C PHE C 168 28.72 39.85 29.49
N LEU C 169 27.46 39.71 29.91
CA LEU C 169 26.34 40.14 29.09
C LEU C 169 26.41 41.64 28.80
N ASN C 170 26.65 42.44 29.85
CA ASN C 170 26.67 43.89 29.68
C ASN C 170 27.85 44.33 28.82
N SER C 171 29.00 43.67 28.96
CA SER C 171 30.16 44.03 28.15
C SER C 171 29.94 43.68 26.69
N LYS C 172 29.36 42.51 26.43
CA LYS C 172 29.11 42.10 25.05
C LYS C 172 28.05 42.97 24.39
N GLY C 173 26.96 43.24 25.10
CA GLY C 173 25.90 44.04 24.52
C GLY C 173 25.27 43.33 23.33
N LYS C 174 25.22 44.03 22.20
CA LYS C 174 24.58 43.49 21.01
C LYS C 174 25.37 42.36 20.37
N ASP C 175 26.63 42.16 20.78
CA ASP C 175 27.43 41.06 20.26
C ASP C 175 27.40 39.83 21.14
N PHE C 176 26.52 39.81 22.14
CA PHE C 176 26.28 38.58 22.87
C PHE C 176 25.48 37.60 22.01
N GLY C 177 25.87 36.33 22.06
CA GLY C 177 25.15 35.29 21.36
C GLY C 177 25.02 35.49 19.86
N THR C 178 26.14 35.82 19.20
CA THR C 178 26.15 35.85 17.75
C THR C 178 26.46 34.45 17.23
N LEU C 179 27.24 34.35 16.15
CA LEU C 179 27.73 33.07 15.67
C LEU C 179 29.20 32.85 15.98
N SER C 180 29.81 33.75 16.74
CA SER C 180 31.16 33.69 17.27
C SER C 180 31.20 32.83 18.54
N PRO C 181 32.15 31.91 18.65
CA PRO C 181 32.29 31.16 19.91
C PRO C 181 32.62 32.06 21.10
N ASP C 182 33.21 33.23 20.86
CA ASP C 182 33.56 34.15 21.94
C ASP C 182 32.38 34.99 22.40
N SER C 183 31.20 34.84 21.78
CA SER C 183 30.05 35.68 22.11
C SER C 183 29.26 35.16 23.31
N ILE C 184 29.60 34.01 23.85
CA ILE C 184 28.93 33.45 25.03
C ILE C 184 29.99 32.90 25.98
N LEU C 185 29.57 32.65 27.21
CA LEU C 185 30.37 31.93 28.19
C LEU C 185 29.84 30.50 28.31
N TYR C 186 30.70 29.60 28.77
CA TYR C 186 30.43 28.18 28.72
C TYR C 186 30.33 27.61 30.13
N SER C 187 29.26 26.85 30.38
CA SER C 187 29.07 26.16 31.63
C SER C 187 28.76 24.68 31.44
N GLY C 188 28.78 24.18 30.21
CA GLY C 188 28.41 22.80 29.94
C GLY C 188 29.62 21.91 29.73
N PRO C 189 29.36 20.68 29.27
CA PRO C 189 30.45 19.70 29.14
C PRO C 189 31.48 20.03 28.06
N TYR C 190 31.13 20.83 27.06
CA TYR C 190 32.01 21.04 25.92
C TYR C 190 32.27 22.53 25.70
N LEU C 191 33.35 22.79 24.98
CA LEU C 191 33.73 24.12 24.52
C LEU C 191 33.61 24.16 23.00
N LEU C 192 33.13 25.28 22.47
CA LEU C 192 32.98 25.44 21.03
C LEU C 192 34.32 25.82 20.43
N LYS C 193 35.00 24.85 19.83
CA LYS C 193 36.31 25.10 19.24
C LYS C 193 36.20 25.87 17.94
N ASP C 194 35.25 25.50 17.07
CA ASP C 194 35.07 26.18 15.80
C ASP C 194 33.62 26.07 15.36
N PHE C 195 33.13 27.15 14.75
CA PHE C 195 31.90 27.10 13.96
C PHE C 195 32.12 27.90 12.70
N THR C 196 31.89 27.26 11.55
CA THR C 196 31.89 27.93 10.25
C THR C 196 30.57 27.58 9.57
N SER C 197 29.78 28.59 9.25
CA SER C 197 28.44 28.36 8.71
C SER C 197 28.51 27.56 7.42
N LYS C 198 27.65 26.55 7.32
CA LYS C 198 27.57 25.69 6.14
C LYS C 198 28.88 24.93 5.89
N SER C 199 29.64 24.63 6.94
CA SER C 199 30.88 23.89 6.73
C SER C 199 31.24 22.98 7.90
N SER C 200 31.39 23.53 9.11
CA SER C 200 32.00 22.75 10.17
C SER C 200 31.54 23.23 11.55
N ILE C 201 31.39 22.26 12.46
CA ILE C 201 31.21 22.50 13.89
C ILE C 201 32.18 21.59 14.62
N GLU C 202 32.89 22.13 15.61
CA GLU C 202 33.86 21.35 16.38
C GLU C 202 33.73 21.68 17.86
N TYR C 203 33.48 20.66 18.67
CA TYR C 203 33.48 20.77 20.12
C TYR C 203 34.73 20.10 20.68
N VAL C 204 35.16 20.58 21.83
CA VAL C 204 36.20 19.91 22.62
C VAL C 204 35.69 19.77 24.05
N LYS C 205 35.92 18.61 24.65
CA LYS C 205 35.54 18.39 26.03
C LYS C 205 36.20 19.41 26.94
N ASN C 206 35.42 20.02 27.84
CA ASN C 206 35.95 20.92 28.84
C ASN C 206 36.54 20.11 29.97
N PRO C 207 37.87 20.10 30.14
CA PRO C 207 38.47 19.26 31.19
C PRO C 207 38.16 19.73 32.60
N HIS C 208 37.70 20.95 32.79
CA HIS C 208 37.42 21.49 34.11
C HIS C 208 35.92 21.62 34.38
N TYR C 209 35.08 21.12 33.48
CA TYR C 209 33.66 20.98 33.72
C TYR C 209 33.42 20.12 34.96
N TYR C 210 32.41 20.50 35.75
CA TYR C 210 32.20 19.83 37.04
C TYR C 210 31.92 18.34 36.87
N ASP C 211 31.30 17.95 35.76
CA ASP C 211 30.96 16.56 35.49
C ASP C 211 31.86 15.96 34.41
N HIS C 212 33.09 16.48 34.27
CA HIS C 212 33.96 16.06 33.18
C HIS C 212 34.28 14.57 33.26
N ASP C 213 34.29 13.99 34.45
CA ASP C 213 34.61 12.58 34.60
C ASP C 213 33.54 11.67 34.01
N LYS C 214 32.38 12.21 33.63
CA LYS C 214 31.34 11.43 32.98
C LYS C 214 31.31 11.62 31.48
N VAL C 215 32.15 12.49 30.93
CA VAL C 215 32.19 12.79 29.51
C VAL C 215 33.24 11.91 28.85
N SER C 216 32.80 11.03 27.97
CA SER C 216 33.69 10.08 27.31
C SER C 216 34.24 10.60 26.00
N ILE C 217 33.40 11.24 25.18
CA ILE C 217 33.83 11.74 23.88
C ILE C 217 34.56 13.05 24.07
N GLU C 218 35.82 13.09 23.64
CA GLU C 218 36.66 14.28 23.83
C GLU C 218 36.61 15.24 22.64
N HIS C 219 36.20 14.77 21.47
CA HIS C 219 36.14 15.62 20.28
C HIS C 219 34.86 15.31 19.51
N VAL C 220 34.15 16.34 19.10
CA VAL C 220 32.97 16.21 18.25
C VAL C 220 33.21 17.06 17.00
N LYS C 221 33.22 16.42 15.84
CA LYS C 221 33.43 17.09 14.56
C LYS C 221 32.22 16.84 13.68
N LEU C 222 31.55 17.91 13.28
CA LEU C 222 30.36 17.83 12.44
C LEU C 222 30.61 18.58 11.14
N ALA C 223 30.53 17.86 10.02
CA ALA C 223 30.70 18.45 8.70
C ALA C 223 29.34 18.71 8.07
N TYR C 224 29.18 19.87 7.45
CA TYR C 224 27.89 20.25 6.90
C TYR C 224 27.51 19.34 5.75
N PHE C 225 26.24 18.94 5.73
CA PHE C 225 25.72 17.96 4.77
C PHE C 225 24.52 18.57 4.06
N ASP C 226 24.52 18.50 2.73
CA ASP C 226 23.46 19.11 1.94
C ASP C 226 22.13 18.42 2.15
N GLY C 227 22.12 17.09 2.06
CA GLY C 227 20.91 16.33 1.80
C GLY C 227 20.94 15.68 0.43
N SER C 228 21.56 16.35 -0.55
CA SER C 228 21.99 15.68 -1.76
C SER C 228 23.11 14.71 -1.45
N ASP C 229 23.27 13.70 -2.31
CA ASP C 229 24.25 12.62 -2.11
C ASP C 229 23.95 11.89 -0.81
N GLN C 230 22.97 10.99 -0.80
CA GLN C 230 22.63 10.29 0.47
C GLN C 230 23.36 8.96 0.59
N GLU C 231 24.48 8.80 -0.09
CA GLU C 231 25.20 7.54 0.00
C GLU C 231 26.58 7.66 0.61
N LEU C 232 27.39 8.58 0.12
CA LEU C 232 28.80 8.58 0.51
C LEU C 232 29.03 9.15 1.93
N THR C 233 27.98 9.23 2.75
CA THR C 233 28.17 9.26 4.20
C THR C 233 28.42 7.87 4.75
N ILE C 234 27.80 6.85 4.14
CA ILE C 234 28.17 5.47 4.43
C ILE C 234 29.59 5.20 3.95
N ARG C 235 29.97 5.80 2.82
CA ARG C 235 31.36 5.76 2.35
C ARG C 235 32.32 6.22 3.43
N ASN C 236 32.03 7.38 4.02
CA ASN C 236 32.85 7.88 5.11
C ASN C 236 32.74 7.01 6.36
N PHE C 237 31.72 6.15 6.43
CA PHE C 237 31.63 5.20 7.53
C PHE C 237 32.53 3.99 7.28
N GLU C 238 32.49 3.44 6.05
CA GLU C 238 33.40 2.35 5.72
C GLU C 238 34.85 2.79 5.86
N SER C 239 35.15 4.03 5.49
CA SER C 239 36.49 4.58 5.60
C SER C 239 36.98 4.66 7.05
N GLY C 240 36.10 4.50 8.03
CA GLY C 240 36.47 4.75 9.41
C GLY C 240 36.54 6.22 9.75
N ALA C 241 35.88 7.07 8.97
CA ALA C 241 35.94 8.51 9.17
C ALA C 241 34.69 9.09 9.83
N TYR C 242 33.55 8.41 9.75
CA TYR C 242 32.34 8.83 10.43
C TYR C 242 31.96 7.80 11.49
N SER C 243 31.32 8.28 12.56
CA SER C 243 30.87 7.40 13.65
C SER C 243 29.48 6.83 13.42
N ILE C 244 28.75 7.34 12.43
CA ILE C 244 27.33 7.06 12.23
C ILE C 244 26.99 7.38 10.78
N ALA C 245 26.10 6.60 10.20
CA ALA C 245 25.64 6.87 8.84
C ALA C 245 24.23 6.36 8.70
N GLY C 246 23.35 7.20 8.15
CA GLY C 246 22.03 6.74 7.78
C GLY C 246 22.06 5.98 6.48
N VAL C 247 21.23 4.95 6.38
CA VAL C 247 21.07 4.18 5.15
C VAL C 247 19.75 4.57 4.52
N TYR C 248 19.74 4.67 3.20
CA TYR C 248 18.58 5.16 2.46
C TYR C 248 18.23 4.15 1.39
N PRO C 249 17.23 3.31 1.62
CA PRO C 249 16.93 2.22 0.66
C PRO C 249 16.49 2.71 -0.71
N ASN C 250 16.32 4.01 -0.92
CA ASN C 250 15.94 4.53 -2.22
C ASN C 250 17.06 5.36 -2.83
N SER C 251 18.25 4.79 -2.92
CA SER C 251 19.37 5.43 -3.57
C SER C 251 20.12 4.38 -4.39
N SER C 252 21.09 4.87 -5.19
CA SER C 252 21.62 4.06 -6.30
C SER C 252 22.27 2.76 -5.83
N ASN C 253 22.94 2.79 -4.67
CA ASN C 253 23.77 1.65 -4.28
C ASN C 253 23.39 1.09 -2.91
N PHE C 254 22.10 1.11 -2.56
CA PHE C 254 21.71 0.54 -1.28
C PHE C 254 21.84 -0.99 -1.28
N ALA C 255 21.76 -1.62 -2.45
CA ALA C 255 21.85 -3.07 -2.52
C ALA C 255 23.20 -3.57 -1.99
N LYS C 256 24.28 -2.87 -2.36
CA LYS C 256 25.60 -3.26 -1.85
C LYS C 256 25.72 -2.97 -0.37
N THR C 257 25.32 -1.77 0.05
CA THR C 257 25.45 -1.39 1.46
C THR C 257 24.60 -2.28 2.35
N LYS C 258 23.43 -2.69 1.87
CA LYS C 258 22.56 -3.57 2.67
C LYS C 258 23.29 -4.87 3.00
N GLU C 259 23.77 -5.58 1.98
CA GLU C 259 24.42 -6.86 2.21
C GLU C 259 25.84 -6.72 2.75
N LYS C 260 26.33 -5.50 2.95
CA LYS C 260 27.59 -5.34 3.67
C LYS C 260 27.34 -5.08 5.15
N TYR C 261 26.25 -4.40 5.47
CA TYR C 261 25.90 -4.06 6.84
C TYR C 261 24.58 -4.70 7.25
N LYS C 262 24.32 -5.92 6.79
CA LYS C 262 22.99 -6.51 6.99
C LYS C 262 22.70 -6.72 8.46
N ASP C 263 23.68 -7.19 9.23
CA ASP C 263 23.49 -7.35 10.69
C ASP C 263 23.83 -6.10 11.48
N ASN C 264 24.07 -4.97 10.82
CA ASN C 264 24.41 -3.72 11.51
C ASN C 264 23.36 -2.63 11.40
N ILE C 265 22.36 -2.80 10.54
CA ILE C 265 21.36 -1.76 10.35
C ILE C 265 20.44 -1.72 11.57
N VAL C 266 20.32 -0.54 12.17
CA VAL C 266 19.50 -0.35 13.36
C VAL C 266 18.49 0.75 13.09
N TYR C 267 17.37 0.69 13.80
CA TYR C 267 16.28 1.65 13.64
C TYR C 267 16.04 2.36 14.96
N SER C 268 16.03 3.69 14.92
CA SER C 268 15.80 4.50 16.12
C SER C 268 14.32 4.51 16.49
N LEU C 269 14.04 5.04 17.66
CA LEU C 269 12.69 5.09 18.20
C LEU C 269 12.01 6.40 17.82
N GLN C 270 10.68 6.36 17.78
CA GLN C 270 9.88 7.58 17.58
C GLN C 270 10.21 8.48 18.78
N ASP C 271 10.60 9.74 18.56
CA ASP C 271 10.92 10.63 19.66
C ASP C 271 10.06 11.89 19.65
N LYS C 272 10.55 12.95 20.30
CA LYS C 272 9.70 14.05 20.74
C LYS C 272 9.19 14.95 19.62
N THR C 273 9.75 14.88 18.42
CA THR C 273 9.34 15.79 17.36
C THR C 273 8.07 15.29 16.70
N SER C 274 7.05 16.16 16.66
CA SER C 274 5.79 15.87 15.99
C SER C 274 5.74 16.63 14.67
N TRP C 275 5.68 15.88 13.56
CA TRP C 275 5.63 16.47 12.24
C TRP C 275 4.20 16.48 11.70
N TYR C 276 3.94 17.40 10.78
CA TYR C 276 2.59 17.64 10.31
C TYR C 276 2.64 18.48 9.04
N PHE C 277 1.55 18.44 8.28
CA PHE C 277 1.31 19.36 7.19
C PHE C 277 0.34 20.45 7.65
N ASN C 278 0.43 21.61 7.02
CA ASN C 278 -0.43 22.73 7.39
C ASN C 278 -0.69 23.61 6.18
N PHE C 279 -1.83 24.29 6.21
CA PHE C 279 -2.21 25.22 5.17
C PHE C 279 -1.82 26.64 5.53
N ASN C 280 -1.59 27.46 4.50
CA ASN C 280 -1.54 28.91 4.64
C ASN C 280 -2.91 29.43 4.24
N VAL C 281 -3.67 29.93 5.21
CA VAL C 281 -5.02 30.42 4.97
C VAL C 281 -5.05 31.94 4.81
N ASN C 282 -3.88 32.58 4.72
CA ASN C 282 -3.82 34.03 4.63
C ASN C 282 -2.58 34.42 3.82
N ARG C 283 -2.39 33.78 2.68
CA ARG C 283 -1.18 33.98 1.88
C ARG C 283 -1.17 35.36 1.24
N LYS C 284 -0.08 36.09 1.47
CA LYS C 284 0.15 37.39 0.84
C LYS C 284 1.31 37.37 -0.14
N ALA C 285 2.38 36.64 0.16
CA ALA C 285 3.52 36.54 -0.73
C ALA C 285 3.22 35.51 -1.82
N TYR C 286 3.49 35.89 -3.08
CA TYR C 286 3.25 35.03 -4.24
C TYR C 286 4.46 35.03 -5.16
N ASN C 287 5.66 35.00 -4.59
CA ASN C 287 6.88 35.04 -5.39
C ASN C 287 7.36 33.66 -5.82
N HIS C 288 6.71 32.59 -5.34
CA HIS C 288 7.09 31.21 -5.69
C HIS C 288 5.79 30.44 -5.93
N THR C 289 5.25 30.60 -7.14
CA THR C 289 3.95 30.04 -7.48
C THR C 289 3.97 29.60 -8.94
N SER C 290 3.28 28.49 -9.22
CA SER C 290 2.99 28.10 -10.59
C SER C 290 1.72 28.73 -11.12
N LYS C 291 0.90 29.32 -10.24
CA LYS C 291 -0.32 29.99 -10.68
C LYS C 291 0.02 31.17 -11.58
N THR C 292 -0.73 31.29 -12.68
CA THR C 292 -0.48 32.33 -13.67
C THR C 292 -1.48 33.47 -13.64
N THR C 293 -2.66 33.28 -13.05
CA THR C 293 -3.72 34.27 -13.10
C THR C 293 -4.24 34.58 -11.70
N ASP C 294 -4.87 35.75 -11.58
CA ASP C 294 -5.51 36.13 -10.33
C ASP C 294 -6.65 35.17 -9.99
N GLU C 295 -7.38 34.71 -11.00
CA GLU C 295 -8.48 33.78 -10.77
C GLU C 295 -7.98 32.50 -10.12
N GLN C 296 -6.77 32.05 -10.46
CA GLN C 296 -6.20 30.88 -9.81
C GLN C 296 -5.85 31.16 -8.35
N LYS C 297 -5.26 32.34 -8.09
CA LYS C 297 -4.94 32.71 -6.72
C LYS C 297 -6.21 32.84 -5.89
N LYS C 298 -7.23 33.52 -6.43
CA LYS C 298 -8.47 33.70 -5.69
C LYS C 298 -9.13 32.37 -5.36
N SER C 299 -9.12 31.44 -6.31
CA SER C 299 -9.74 30.13 -6.07
C SER C 299 -8.98 29.36 -5.00
N THR C 300 -7.64 29.34 -5.09
CA THR C 300 -6.84 28.65 -4.09
C THR C 300 -7.09 29.23 -2.69
N GLU C 301 -7.09 30.56 -2.57
CA GLU C 301 -7.29 31.20 -1.27
C GLU C 301 -8.61 30.81 -0.64
N THR C 302 -9.68 30.85 -1.43
CA THR C 302 -10.99 30.45 -0.91
C THR C 302 -11.05 28.96 -0.64
N ALA C 303 -10.34 28.16 -1.44
CA ALA C 303 -10.36 26.71 -1.25
C ALA C 303 -9.78 26.32 0.11
N VAL C 304 -8.64 26.91 0.47
CA VAL C 304 -8.00 26.56 1.74
C VAL C 304 -8.83 27.05 2.93
N LEU C 305 -9.77 27.96 2.71
CA LEU C 305 -10.67 28.40 3.77
C LEU C 305 -11.92 27.55 3.86
N ASN C 306 -12.03 26.51 3.04
CA ASN C 306 -13.18 25.61 3.06
C ASN C 306 -12.85 24.37 3.87
N LYS C 307 -13.70 24.06 4.85
CA LYS C 307 -13.43 22.95 5.75
C LYS C 307 -13.47 21.61 5.01
N ASN C 308 -14.45 21.43 4.11
CA ASN C 308 -14.55 20.20 3.37
C ASN C 308 -13.33 20.00 2.47
N PHE C 309 -12.79 21.08 1.92
CA PHE C 309 -11.60 20.99 1.08
C PHE C 309 -10.41 20.51 1.89
N ARG C 310 -10.21 21.09 3.08
CA ARG C 310 -9.07 20.70 3.91
C ARG C 310 -9.19 19.26 4.38
N GLN C 311 -10.41 18.85 4.79
CA GLN C 311 -10.60 17.46 5.19
C GLN C 311 -10.40 16.51 4.03
N ALA C 312 -10.77 16.93 2.81
CA ALA C 312 -10.55 16.10 1.63
C ALA C 312 -9.07 15.88 1.40
N VAL C 313 -8.27 16.96 1.44
CA VAL C 313 -6.82 16.83 1.34
C VAL C 313 -6.29 15.96 2.47
N ASN C 314 -6.83 16.13 3.68
CA ASN C 314 -6.38 15.36 4.82
C ASN C 314 -6.63 13.86 4.61
N PHE C 315 -7.83 13.51 4.16
CA PHE C 315 -8.16 12.10 3.95
C PHE C 315 -7.46 11.51 2.74
N ALA C 316 -7.01 12.34 1.81
CA ALA C 316 -6.32 11.86 0.61
C ALA C 316 -4.81 11.83 0.77
N LEU C 317 -4.27 12.39 1.85
CA LEU C 317 -2.82 12.42 2.07
C LEU C 317 -2.38 11.08 2.63
N ASP C 318 -1.66 10.31 1.82
CA ASP C 318 -1.14 9.00 2.25
C ASP C 318 0.14 9.24 3.05
N ARG C 319 0.06 9.08 4.37
CA ARG C 319 1.22 9.32 5.22
C ARG C 319 2.29 8.26 5.02
N THR C 320 1.88 7.01 4.79
CA THR C 320 2.86 5.95 4.58
C THR C 320 3.68 6.20 3.32
N ALA C 321 3.04 6.66 2.25
CA ALA C 321 3.75 6.90 1.00
C ALA C 321 4.80 7.99 1.16
N TYR C 322 4.48 9.05 1.91
CA TYR C 322 5.43 10.13 2.12
C TYR C 322 6.68 9.62 2.85
N SER C 323 6.47 8.82 3.90
CA SER C 323 7.61 8.24 4.61
C SER C 323 8.34 7.22 3.76
N ALA C 324 7.63 6.55 2.85
CA ALA C 324 8.24 5.52 2.01
C ALA C 324 9.30 6.07 1.06
N GLN C 325 9.39 7.39 0.91
CA GLN C 325 10.43 7.96 0.05
C GLN C 325 11.78 7.97 0.77
N SER C 326 11.82 8.51 1.99
CA SER C 326 13.04 8.50 2.78
C SER C 326 13.39 7.08 3.20
N ASN C 327 12.71 6.56 4.21
CA ASN C 327 12.93 5.20 4.66
C ASN C 327 12.27 4.21 3.70
N GLY C 328 12.40 2.92 4.00
CA GLY C 328 11.82 1.92 3.14
C GLY C 328 10.30 1.94 3.15
N GLU C 329 9.73 1.41 2.06
CA GLU C 329 8.28 1.21 2.03
C GLU C 329 7.84 0.19 3.07
N GLU C 330 8.75 -0.71 3.46
CA GLU C 330 8.45 -1.60 4.57
C GLU C 330 8.44 -0.85 5.90
N ALA C 331 9.49 -0.06 6.16
CA ALA C 331 9.66 0.64 7.42
C ALA C 331 9.01 2.02 7.43
N ALA C 332 8.22 2.35 6.41
CA ALA C 332 7.59 3.66 6.36
C ALA C 332 6.56 3.85 7.48
N SER C 333 5.92 2.76 7.92
CA SER C 333 4.81 2.87 8.84
C SER C 333 5.24 3.14 10.28
N LYS C 334 6.46 2.73 10.66
CA LYS C 334 6.86 2.85 12.06
C LYS C 334 7.13 4.28 12.50
N THR C 335 7.21 5.24 11.58
CA THR C 335 7.38 6.63 11.95
C THR C 335 6.05 7.36 12.12
N LEU C 336 4.93 6.72 11.76
CA LEU C 336 3.66 7.43 11.62
C LEU C 336 3.15 7.93 12.97
N LEU C 337 2.55 9.11 12.93
CA LEU C 337 1.99 9.78 14.10
C LEU C 337 0.75 10.53 13.65
N ASN C 338 -0.34 10.41 14.42
CA ASN C 338 -1.63 10.94 14.00
C ASN C 338 -2.10 12.12 14.84
N THR C 339 -1.28 12.61 15.76
CA THR C 339 -1.66 13.73 16.62
C THR C 339 -0.45 14.62 16.84
N LEU C 340 -0.71 15.84 17.32
CA LEU C 340 0.37 16.71 17.77
C LEU C 340 0.91 16.25 19.11
N VAL C 341 0.02 16.04 20.08
CA VAL C 341 0.36 15.43 21.35
C VAL C 341 0.51 13.93 21.11
N PRO C 342 1.67 13.33 21.39
CA PRO C 342 1.81 11.88 21.23
C PRO C 342 0.74 11.13 22.00
N PRO C 343 0.16 10.09 21.40
CA PRO C 343 -1.07 9.50 21.97
C PRO C 343 -0.88 8.87 23.34
N THR C 344 0.34 8.56 23.75
CA THR C 344 0.60 8.08 25.10
C THR C 344 1.47 9.04 25.90
N PHE C 345 1.49 10.31 25.49
CA PHE C 345 2.23 11.32 26.26
C PHE C 345 1.75 11.38 27.70
N VAL C 346 0.43 11.28 27.91
CA VAL C 346 -0.17 11.22 29.23
C VAL C 346 -1.26 10.16 29.22
N GLN C 347 -1.65 9.73 30.42
CA GLN C 347 -2.79 8.85 30.61
C GLN C 347 -3.94 9.65 31.22
N VAL C 348 -5.16 9.33 30.80
CA VAL C 348 -6.37 10.00 31.29
C VAL C 348 -7.30 8.91 31.79
N GLY C 349 -7.38 8.74 33.11
CA GLY C 349 -8.22 7.69 33.67
C GLY C 349 -7.71 6.34 33.23
N ASP C 350 -8.58 5.56 32.61
CA ASP C 350 -8.24 4.22 32.13
C ASP C 350 -7.77 4.20 30.69
N LYS C 351 -7.64 5.35 30.05
CA LYS C 351 -7.34 5.43 28.62
C LYS C 351 -6.14 6.33 28.36
N THR C 352 -5.51 6.10 27.22
CA THR C 352 -4.42 6.95 26.76
C THR C 352 -4.97 8.27 26.24
N PHE C 353 -4.07 9.23 26.05
CA PHE C 353 -4.48 10.54 25.55
C PHE C 353 -5.11 10.43 24.17
N GLY C 354 -4.48 9.66 23.28
CA GLY C 354 -5.04 9.47 21.95
C GLY C 354 -6.41 8.82 21.96
N GLU C 355 -6.65 7.90 22.90
CA GLU C 355 -7.97 7.28 23.00
C GLU C 355 -9.03 8.30 23.38
N VAL C 356 -8.70 9.24 24.27
CA VAL C 356 -9.64 10.27 24.65
C VAL C 356 -9.91 11.21 23.47
N VAL C 357 -8.87 11.55 22.71
CA VAL C 357 -9.04 12.43 21.55
C VAL C 357 -9.97 11.79 20.55
N ALA C 358 -9.77 10.50 20.26
CA ALA C 358 -10.66 9.79 19.35
C ALA C 358 -12.09 9.76 19.88
N SER C 359 -12.26 9.70 21.20
CA SER C 359 -13.61 9.71 21.78
C SER C 359 -14.27 11.07 21.59
N LYS C 360 -13.50 12.16 21.71
CA LYS C 360 -14.06 13.48 21.45
C LYS C 360 -14.29 13.70 19.97
N LEU C 361 -13.45 13.10 19.12
CA LEU C 361 -13.51 13.38 17.69
C LEU C 361 -14.73 12.73 17.04
N VAL C 362 -15.07 11.51 17.47
CA VAL C 362 -16.19 10.80 16.84
C VAL C 362 -17.50 11.53 17.05
N ASN C 363 -17.61 12.33 18.11
CA ASN C 363 -18.80 13.11 18.36
C ASN C 363 -18.86 14.38 17.54
N TYR C 364 -17.77 14.74 16.84
CA TYR C 364 -17.75 15.95 16.02
C TYR C 364 -18.32 15.73 14.63
N GLY C 365 -18.37 14.49 14.15
CA GLY C 365 -18.89 14.23 12.82
C GLY C 365 -18.77 12.80 12.35
N THR C 366 -19.62 12.42 11.39
CA THR C 366 -19.61 11.06 10.86
C THR C 366 -18.31 10.73 10.15
N GLU C 367 -17.65 11.74 9.57
CA GLU C 367 -16.39 11.50 8.88
C GLU C 367 -15.31 10.95 9.81
N TRP C 368 -15.49 11.06 11.11
CA TRP C 368 -14.51 10.60 12.09
C TRP C 368 -14.93 9.29 12.76
N SER C 369 -15.95 8.62 12.23
CA SER C 369 -16.39 7.36 12.82
C SER C 369 -15.29 6.31 12.75
N GLY C 370 -15.09 5.61 13.87
CA GLY C 370 -14.09 4.57 13.94
C GLY C 370 -12.66 5.05 13.87
N ILE C 371 -12.39 6.31 14.20
CA ILE C 371 -11.04 6.83 14.10
C ILE C 371 -10.16 6.17 15.15
N ASN C 372 -8.96 5.77 14.74
CA ASN C 372 -7.99 5.12 15.61
C ASN C 372 -6.67 5.87 15.48
N LEU C 373 -6.28 6.59 16.53
CA LEU C 373 -5.15 7.50 16.48
C LEU C 373 -3.86 6.88 17.00
N ALA C 374 -3.79 5.55 17.09
CA ALA C 374 -2.60 4.89 17.61
C ALA C 374 -1.40 5.15 16.70
N ASP C 375 -0.21 5.10 17.30
CA ASP C 375 1.03 5.33 16.58
C ASP C 375 1.24 4.24 15.52
N ALA C 376 2.19 4.52 14.62
CA ALA C 376 2.72 3.55 13.66
C ALA C 376 1.66 3.04 12.68
N GLN C 377 0.58 3.79 12.48
CA GLN C 377 -0.40 3.44 11.45
C GLN C 377 -1.07 4.73 10.99
N ASP C 378 -1.58 4.70 9.75
CA ASP C 378 -2.19 5.85 9.13
C ASP C 378 -3.67 5.88 9.51
N ALA C 379 -4.04 6.87 10.33
CA ALA C 379 -5.42 6.98 10.80
C ALA C 379 -6.33 7.69 9.81
N TYR C 380 -5.77 8.42 8.85
CA TYR C 380 -6.55 9.34 8.02
C TYR C 380 -6.83 8.84 6.62
N PHE C 381 -5.86 8.19 5.97
CA PHE C 381 -5.94 7.95 4.54
C PHE C 381 -7.11 7.01 4.22
N ASN C 382 -8.06 7.51 3.43
CA ASN C 382 -9.18 6.71 2.95
C ASN C 382 -9.71 7.39 1.70
N LYS C 383 -9.47 6.78 0.54
CA LYS C 383 -9.72 7.45 -0.72
C LYS C 383 -11.19 7.77 -0.93
N GLU C 384 -12.08 6.88 -0.46
CA GLU C 384 -13.51 7.07 -0.70
C GLU C 384 -14.04 8.27 0.06
N LYS C 385 -13.62 8.45 1.31
CA LYS C 385 -14.06 9.61 2.08
C LYS C 385 -13.44 10.90 1.55
N ALA C 386 -12.20 10.82 1.07
CA ALA C 386 -11.55 12.01 0.49
C ALA C 386 -12.33 12.49 -0.73
N GLN C 387 -12.67 11.57 -1.64
CA GLN C 387 -13.44 11.94 -2.82
C GLN C 387 -14.81 12.48 -2.43
N ALA C 388 -15.45 11.87 -1.42
CA ALA C 388 -16.76 12.33 -0.99
C ALA C 388 -16.67 13.74 -0.38
N LYS C 389 -15.63 13.98 0.41
CA LYS C 389 -15.46 15.31 1.01
C LYS C 389 -15.20 16.37 -0.06
N PHE C 390 -14.41 16.02 -1.09
CA PHE C 390 -14.10 17.01 -2.14
C PHE C 390 -15.32 17.30 -3.00
N ALA C 391 -16.09 16.27 -3.37
CA ALA C 391 -17.33 16.51 -4.09
C ALA C 391 -18.22 17.48 -3.35
N GLU C 392 -18.19 17.44 -2.02
CA GLU C 392 -18.99 18.37 -1.24
C GLU C 392 -18.38 19.76 -1.24
N ALA C 393 -17.06 19.86 -1.08
CA ALA C 393 -16.40 21.16 -1.14
C ALA C 393 -16.59 21.82 -2.49
N LYS C 394 -16.63 21.02 -3.56
CA LYS C 394 -16.77 21.56 -4.91
C LYS C 394 -18.08 22.33 -5.05
N LYS C 395 -19.18 21.77 -4.54
CA LYS C 395 -20.47 22.44 -4.66
C LYS C 395 -20.48 23.78 -3.94
N GLU C 396 -19.72 23.90 -2.85
CA GLU C 396 -19.71 25.14 -2.08
C GLU C 396 -18.77 26.17 -2.69
N LEU C 397 -17.61 25.72 -3.18
CA LEU C 397 -16.62 26.65 -3.72
C LEU C 397 -17.06 27.24 -5.05
N THR C 398 -17.76 26.46 -5.87
CA THR C 398 -18.31 27.00 -7.12
C THR C 398 -19.21 28.20 -6.85
N SER C 399 -19.93 28.18 -5.72
CA SER C 399 -20.84 29.26 -5.38
C SER C 399 -20.13 30.59 -5.23
N GLN C 400 -18.81 30.59 -5.03
CA GLN C 400 -18.04 31.82 -4.86
C GLN C 400 -17.13 32.10 -6.05
N GLY C 401 -17.39 31.48 -7.20
CA GLY C 401 -16.58 31.74 -8.38
C GLY C 401 -15.24 31.05 -8.38
N VAL C 402 -15.15 29.87 -7.80
CA VAL C 402 -13.89 29.13 -7.72
C VAL C 402 -13.79 28.20 -8.92
N THR C 403 -12.69 28.30 -9.65
CA THR C 403 -12.46 27.46 -10.81
C THR C 403 -11.51 26.32 -10.45
N PHE C 404 -11.78 25.14 -11.01
CA PHE C 404 -11.00 23.95 -10.76
C PHE C 404 -10.16 23.60 -11.99
N PRO C 405 -8.97 23.00 -11.81
CA PRO C 405 -8.39 22.52 -10.55
C PRO C 405 -7.87 23.62 -9.62
N ILE C 406 -7.70 23.25 -8.36
CA ILE C 406 -7.08 24.13 -7.36
C ILE C 406 -5.58 23.88 -7.37
N HIS C 407 -4.81 24.95 -7.50
CA HIS C 407 -3.35 24.88 -7.48
C HIS C 407 -2.85 25.17 -6.06
N LEU C 408 -2.15 24.21 -5.47
CA LEU C 408 -1.54 24.37 -4.16
C LEU C 408 -0.03 24.40 -4.32
N ASP C 409 0.59 25.51 -3.91
CA ASP C 409 2.04 25.61 -3.88
C ASP C 409 2.58 25.05 -2.58
N VAL C 410 3.64 24.26 -2.67
CA VAL C 410 4.41 23.81 -1.52
C VAL C 410 5.88 24.00 -1.84
N ALA C 411 6.59 24.68 -0.94
CA ALA C 411 8.01 24.94 -1.13
C ALA C 411 8.84 23.86 -0.45
N VAL C 412 10.00 23.57 -1.03
CA VAL C 412 10.85 22.48 -0.55
C VAL C 412 12.31 22.84 -0.83
N ASP C 413 13.19 22.41 0.07
CA ASP C 413 14.62 22.60 -0.11
C ASP C 413 15.10 21.68 -1.23
N GLN C 414 15.54 22.28 -2.35
CA GLN C 414 15.91 21.51 -3.53
C GLN C 414 17.07 20.57 -3.29
N THR C 415 17.94 20.87 -2.32
CA THR C 415 19.11 20.04 -2.09
C THR C 415 18.82 18.78 -1.27
N SER C 416 17.72 18.75 -0.54
CA SER C 416 17.35 17.58 0.25
C SER C 416 16.59 16.60 -0.64
N LYS C 417 17.24 15.49 -1.00
CA LYS C 417 16.57 14.50 -1.84
C LYS C 417 15.38 13.88 -1.10
N ASN C 418 15.51 13.67 0.21
CA ASN C 418 14.39 13.13 0.99
C ASN C 418 13.16 14.02 0.88
N ALA C 419 13.36 15.34 1.00
CA ALA C 419 12.23 16.26 1.03
C ALA C 419 11.58 16.39 -0.34
N VAL C 420 12.38 16.38 -1.40
CA VAL C 420 11.84 16.57 -2.75
C VAL C 420 11.06 15.34 -3.19
N THR C 421 11.63 14.14 -3.00
CA THR C 421 10.90 12.93 -3.33
C THR C 421 9.70 12.73 -2.42
N GLY C 422 9.80 13.15 -1.16
CA GLY C 422 8.67 13.05 -0.27
C GLY C 422 7.49 13.88 -0.74
N MET C 423 7.73 15.17 -1.02
CA MET C 423 6.64 16.03 -1.45
C MET C 423 6.16 15.67 -2.85
N ASN C 424 7.03 15.09 -3.68
CA ASN C 424 6.57 14.63 -4.99
C ASN C 424 5.64 13.43 -4.87
N SER C 425 5.87 12.57 -3.88
CA SER C 425 4.94 11.47 -3.61
C SER C 425 3.62 12.01 -3.05
N VAL C 426 3.70 13.07 -2.24
CA VAL C 426 2.48 13.79 -1.86
C VAL C 426 1.73 14.25 -3.11
N LYS C 427 2.46 14.84 -4.07
CA LYS C 427 1.83 15.32 -5.30
C LYS C 427 1.16 14.18 -6.05
N GLN C 428 1.85 13.04 -6.20
CA GLN C 428 1.29 11.92 -6.96
C GLN C 428 0.04 11.37 -6.29
N THR C 429 0.06 11.21 -4.96
CA THR C 429 -1.07 10.62 -4.26
C THR C 429 -2.28 11.55 -4.29
N LEU C 430 -2.10 12.81 -3.91
CA LEU C 430 -3.22 13.75 -3.87
C LEU C 430 -3.84 13.92 -5.25
N GLU C 431 -2.99 14.05 -6.29
CA GLU C 431 -3.52 14.22 -7.64
C GLU C 431 -4.21 12.96 -8.15
N SER C 432 -3.75 11.78 -7.71
CA SER C 432 -4.37 10.54 -8.14
C SER C 432 -5.70 10.29 -7.45
N VAL C 433 -5.75 10.51 -6.13
CA VAL C 433 -6.95 10.18 -5.36
C VAL C 433 -8.07 11.17 -5.67
N LEU C 434 -7.75 12.46 -5.70
CA LEU C 434 -8.77 13.49 -5.90
C LEU C 434 -8.97 13.83 -7.37
N GLY C 435 -8.06 13.45 -8.24
CA GLY C 435 -8.17 13.73 -9.66
C GLY C 435 -7.44 14.99 -10.07
N SER C 436 -6.64 14.91 -11.15
CA SER C 436 -5.92 16.06 -11.64
C SER C 436 -6.85 17.18 -12.11
N ASP C 437 -8.11 16.84 -12.43
CA ASP C 437 -9.10 17.85 -12.76
C ASP C 437 -9.53 18.66 -11.54
N ASN C 438 -9.24 18.16 -10.33
CA ASN C 438 -9.71 18.78 -9.11
C ASN C 438 -8.61 19.49 -8.33
N ILE C 439 -7.40 18.97 -8.33
CA ILE C 439 -6.30 19.56 -7.55
C ILE C 439 -4.99 19.25 -8.23
N VAL C 440 -4.09 20.23 -8.23
CA VAL C 440 -2.71 20.05 -8.70
C VAL C 440 -1.79 20.62 -7.64
N ILE C 441 -0.75 19.87 -7.28
CA ILE C 441 0.23 20.27 -6.29
C ILE C 441 1.47 20.74 -7.02
N ASP C 442 1.82 22.01 -6.86
CA ASP C 442 2.96 22.63 -7.54
C ASP C 442 4.13 22.65 -6.55
N VAL C 443 5.05 21.71 -6.72
CA VAL C 443 6.20 21.58 -5.81
C VAL C 443 7.25 22.60 -6.25
N GLN C 444 7.52 23.59 -5.41
CA GLN C 444 8.51 24.62 -5.68
C GLN C 444 9.83 24.21 -5.06
N GLN C 445 10.82 23.91 -5.89
CA GLN C 445 12.13 23.48 -5.43
C GLN C 445 13.03 24.69 -5.28
N LEU C 446 13.26 25.11 -4.04
CA LEU C 446 14.06 26.27 -3.72
C LEU C 446 15.38 25.85 -3.09
N SER C 447 16.38 26.71 -3.20
CA SER C 447 17.63 26.45 -2.52
C SER C 447 17.48 26.75 -1.03
N THR C 448 18.46 26.27 -0.24
CA THR C 448 18.34 26.29 1.21
C THR C 448 18.08 27.70 1.74
N ASP C 449 18.84 28.68 1.24
CA ASP C 449 18.64 30.06 1.66
C ASP C 449 17.25 30.56 1.26
N ASP C 450 16.87 30.33 0.01
CA ASP C 450 15.57 30.76 -0.48
C ASP C 450 14.43 30.14 0.33
N PHE C 451 14.50 28.82 0.54
CA PHE C 451 13.46 28.14 1.29
C PHE C 451 13.33 28.69 2.71
N ASN C 452 14.47 28.95 3.35
CA ASN C 452 14.43 29.49 4.71
C ASN C 452 13.87 30.91 4.72
N ASN C 453 14.15 31.70 3.69
CA ASN C 453 13.74 33.10 3.69
C ASN C 453 12.23 33.25 3.57
N VAL C 454 11.57 32.36 2.83
CA VAL C 454 10.15 32.50 2.52
C VAL C 454 9.29 31.49 3.26
N ALA C 455 9.88 30.58 4.03
CA ALA C 455 9.08 29.60 4.74
C ALA C 455 9.53 29.46 6.19
N PHE C 456 10.51 28.59 6.43
CA PHE C 456 10.87 28.22 7.80
C PHE C 456 11.31 29.43 8.62
N LEU C 457 12.21 30.24 8.06
CA LEU C 457 12.74 31.41 8.76
C LEU C 457 12.17 32.72 8.20
N ALA C 458 10.95 32.67 7.67
CA ALA C 458 10.33 33.89 7.15
C ALA C 458 10.10 34.88 8.28
N PRO C 459 10.38 36.17 8.07
CA PRO C 459 10.30 37.13 9.18
C PRO C 459 8.91 37.27 9.78
N THR C 460 7.87 37.42 8.94
CA THR C 460 6.52 37.61 9.42
C THR C 460 5.59 36.59 8.78
N ALA C 461 4.34 36.56 9.27
CA ALA C 461 3.36 35.64 8.72
C ALA C 461 3.03 35.99 7.27
N ALA C 462 3.02 37.29 6.94
CA ALA C 462 2.73 37.72 5.58
C ALA C 462 3.82 37.33 4.60
N ASP C 463 5.01 36.96 5.08
CA ASP C 463 6.13 36.63 4.22
C ASP C 463 6.13 35.18 3.75
N ARG C 464 5.24 34.33 4.29
CA ARG C 464 5.28 32.90 3.99
C ARG C 464 4.72 32.64 2.60
N ASP C 465 5.54 32.03 1.75
CA ASP C 465 5.28 31.92 0.32
C ASP C 465 4.93 30.48 -0.04
N TYR C 466 3.71 30.08 0.33
CA TYR C 466 3.21 28.75 0.00
C TYR C 466 1.72 28.71 0.31
N ASP C 467 1.07 27.65 -0.16
CA ASP C 467 -0.29 27.31 0.24
C ASP C 467 -0.32 26.12 1.20
N PHE C 468 0.79 25.39 1.31
CA PHE C 468 0.82 24.06 1.90
C PHE C 468 2.26 23.78 2.30
N ASN C 469 2.45 23.25 3.51
CA ASN C 469 3.79 23.16 4.07
C ASN C 469 3.89 21.96 5.00
N PHE C 470 5.13 21.55 5.27
CA PHE C 470 5.45 20.47 6.19
C PHE C 470 6.35 21.04 7.28
N ASP C 471 5.89 20.98 8.53
CA ASP C 471 6.60 21.54 9.66
C ASP C 471 6.52 20.57 10.83
N GLY C 472 7.12 20.96 11.97
CA GLY C 472 7.18 20.11 13.13
C GLY C 472 7.08 20.92 14.41
N TRP C 473 7.15 20.19 15.54
CA TRP C 473 7.22 20.82 16.84
C TRP C 473 7.79 19.84 17.85
N VAL C 474 8.69 20.33 18.70
CA VAL C 474 9.33 19.54 19.74
C VAL C 474 8.76 19.95 21.08
N GLY C 475 8.41 18.96 21.90
CA GLY C 475 7.85 19.26 23.21
C GLY C 475 8.85 20.02 24.07
N ASP C 476 8.34 21.02 24.79
CA ASP C 476 9.18 21.85 25.66
C ASP C 476 9.07 21.49 27.13
N TYR C 477 7.94 20.93 27.55
CA TYR C 477 7.72 20.60 28.95
C TYR C 477 6.61 19.55 29.04
N GLN C 478 6.49 18.93 30.21
CA GLN C 478 5.70 17.72 30.39
C GLN C 478 4.23 18.07 30.64
N ASP C 479 3.56 18.46 29.55
CA ASP C 479 2.13 18.77 29.63
C ASP C 479 1.56 18.79 28.21
N PRO C 480 0.33 18.32 28.00
CA PRO C 480 -0.24 18.34 26.64
C PRO C 480 -0.27 19.72 26.02
N SER C 481 -0.31 20.79 26.83
CA SER C 481 -0.31 22.15 26.29
C SER C 481 0.95 22.47 25.49
N THR C 482 2.04 21.74 25.73
CA THR C 482 3.30 22.05 25.05
C THR C 482 3.21 21.82 23.54
N TYR C 483 2.27 20.97 23.08
CA TYR C 483 2.12 20.69 21.66
C TYR C 483 0.94 21.44 21.03
N LEU C 484 0.09 22.09 21.83
CA LEU C 484 -1.11 22.75 21.34
C LEU C 484 -1.07 24.26 21.48
N ASN C 485 -0.46 24.77 22.55
CA ASN C 485 -0.26 26.21 22.70
C ASN C 485 0.43 26.89 21.51
N PRO C 486 1.43 26.30 20.85
CA PRO C 486 2.11 27.02 19.75
C PRO C 486 1.18 27.49 18.65
N PHE C 487 -0.02 26.94 18.54
CA PHE C 487 -0.93 27.28 17.45
C PHE C 487 -2.13 28.09 17.91
N ASN C 488 -2.15 28.54 19.17
CA ASN C 488 -3.26 29.35 19.65
C ASN C 488 -3.22 30.73 19.02
N ALA C 489 -4.40 31.32 18.84
CA ALA C 489 -4.56 32.55 18.09
C ALA C 489 -4.36 33.81 18.92
N GLU C 490 -4.02 33.69 20.20
CA GLU C 490 -3.73 34.86 21.02
C GLU C 490 -2.24 35.20 20.98
N ASP C 491 -1.37 34.22 21.26
CA ASP C 491 0.07 34.47 21.26
C ASP C 491 0.87 33.22 20.91
N GLY C 492 0.30 32.33 20.10
CA GLY C 492 1.03 31.13 19.71
C GLY C 492 2.22 31.49 18.84
N PHE C 493 3.38 30.91 19.15
CA PHE C 493 4.58 31.23 18.39
C PHE C 493 4.49 30.77 16.93
N TYR C 494 3.72 29.72 16.71
CA TYR C 494 3.54 29.09 15.37
C TYR C 494 2.23 29.48 14.67
N LEU C 495 1.52 30.45 15.18
CA LEU C 495 0.37 30.97 14.44
C LEU C 495 0.80 31.47 13.06
N LYS C 496 2.06 31.85 12.92
CA LYS C 496 2.54 32.44 11.68
C LYS C 496 2.52 31.45 10.53
N ILE C 497 2.66 30.14 10.82
CA ILE C 497 2.73 29.16 9.75
C ILE C 497 1.39 29.05 9.00
N PHE C 498 0.30 29.51 9.61
CA PHE C 498 -0.97 29.64 8.91
C PHE C 498 -1.06 30.92 8.10
N GLY C 499 -0.02 31.76 8.14
CA GLY C 499 -0.09 33.07 7.53
C GLY C 499 -0.87 34.08 8.35
N LEU C 500 -1.14 33.78 9.61
CA LEU C 500 -2.02 34.58 10.45
C LEU C 500 -1.24 35.39 11.47
N ASP C 501 -1.75 36.58 11.76
CA ASP C 501 -1.19 37.47 12.78
C ASP C 501 -2.27 37.74 13.82
N ALA C 502 -1.86 37.72 15.10
CA ALA C 502 -2.82 37.80 16.18
C ALA C 502 -3.56 39.13 16.19
N LYS C 503 -2.89 40.22 15.83
CA LYS C 503 -3.52 41.53 15.85
C LYS C 503 -4.22 41.87 14.53
N GLU C 504 -3.63 41.47 13.40
CA GLU C 504 -4.08 41.97 12.11
C GLU C 504 -5.20 41.14 11.49
N ASP C 505 -5.32 39.86 11.85
CA ASP C 505 -6.19 38.93 11.15
C ASP C 505 -7.24 38.32 12.07
N LYS C 506 -7.76 39.11 13.03
CA LYS C 506 -8.72 38.58 13.99
C LYS C 506 -10.04 38.21 13.33
N GLU C 507 -10.49 39.01 12.36
CA GLU C 507 -11.71 38.66 11.63
C GLU C 507 -11.59 37.30 10.97
N LYS C 508 -10.46 37.03 10.33
CA LYS C 508 -10.23 35.71 9.75
C LYS C 508 -10.02 34.66 10.83
N ILE C 509 -9.37 35.03 11.94
CA ILE C 509 -9.16 34.08 13.03
C ILE C 509 -10.50 33.61 13.59
N THR C 510 -11.47 34.51 13.69
CA THR C 510 -12.78 34.14 14.19
C THR C 510 -13.55 33.30 13.17
N SER C 511 -13.41 33.62 11.89
CA SER C 511 -14.17 32.89 10.87
C SER C 511 -13.73 31.44 10.78
N LEU C 512 -12.47 31.15 11.09
CA LEU C 512 -11.96 29.78 11.08
C LEU C 512 -12.23 29.03 12.37
N GLY C 513 -12.71 29.72 13.41
CA GLY C 513 -12.93 29.09 14.69
C GLY C 513 -11.72 29.01 15.59
N LEU C 514 -10.59 29.59 15.19
CA LEU C 514 -9.40 29.60 16.03
C LEU C 514 -9.63 30.36 17.33
N ASP C 515 -10.60 31.27 17.35
CA ASP C 515 -11.04 31.86 18.61
C ASP C 515 -11.52 30.78 19.58
N THR C 516 -12.27 29.80 19.06
CA THR C 516 -12.82 28.74 19.91
C THR C 516 -11.72 27.81 20.39
N TYR C 517 -10.78 27.47 19.51
CA TYR C 517 -9.65 26.63 19.88
C TYR C 517 -8.82 27.29 20.98
N THR C 518 -8.60 28.61 20.88
CA THR C 518 -7.83 29.30 21.90
C THR C 518 -8.55 29.30 23.24
N LYS C 519 -9.88 29.41 23.23
CA LYS C 519 -10.63 29.37 24.48
C LYS C 519 -10.64 27.98 25.09
N MET C 520 -10.65 26.94 24.25
CA MET C 520 -10.55 25.57 24.77
C MET C 520 -9.22 25.36 25.48
N LEU C 521 -8.14 25.92 24.93
CA LEU C 521 -6.84 25.83 25.59
C LEU C 521 -6.85 26.61 26.90
N LYS C 522 -7.40 27.82 26.88
CA LYS C 522 -7.50 28.62 28.10
C LYS C 522 -8.29 27.88 29.17
N ASP C 523 -9.40 27.26 28.79
CA ASP C 523 -10.22 26.52 29.74
C ASP C 523 -9.48 25.29 30.29
N ALA C 524 -8.66 24.66 29.45
CA ALA C 524 -7.86 23.53 29.93
C ALA C 524 -6.76 23.99 30.88
N ASP C 525 -6.13 25.12 30.57
CA ASP C 525 -5.02 25.60 31.40
C ASP C 525 -5.47 26.04 32.78
N ARG C 526 -6.74 26.40 32.95
CA ARG C 526 -7.25 26.80 34.27
C ARG C 526 -7.41 25.62 35.20
N GLU C 527 -7.37 24.40 34.65
CA GLU C 527 -7.52 23.17 35.44
C GLU C 527 -6.14 22.83 36.02
N ASN C 528 -6.01 22.95 37.35
CA ASN C 528 -4.76 22.61 38.02
C ASN C 528 -4.89 21.58 39.15
N LYS C 529 -6.08 21.36 39.70
CA LYS C 529 -6.25 20.38 40.77
C LYS C 529 -6.62 19.00 40.23
N ASP C 530 -7.56 18.93 39.29
CA ASP C 530 -7.87 17.66 38.61
C ASP C 530 -7.03 17.60 37.35
N VAL C 531 -5.92 16.84 37.42
CA VAL C 531 -4.98 16.81 36.32
C VAL C 531 -5.54 16.00 35.15
N ALA C 532 -6.26 14.93 35.44
CA ALA C 532 -6.92 14.18 34.37
C ALA C 532 -7.94 15.02 33.64
N LYS C 533 -8.67 15.86 34.38
CA LYS C 533 -9.61 16.80 33.74
C LYS C 533 -8.86 17.79 32.87
N ARG C 534 -7.73 18.31 33.35
CA ARG C 534 -6.88 19.18 32.54
C ARG C 534 -6.50 18.50 31.23
N TYR C 535 -6.10 17.23 31.33
CA TYR C 535 -5.73 16.49 30.12
C TYR C 535 -6.92 16.30 29.19
N GLU C 536 -8.10 16.02 29.76
CA GLU C 536 -9.27 15.76 28.93
C GLU C 536 -9.66 16.99 28.12
N LYS C 537 -9.51 18.18 28.71
CA LYS C 537 -9.87 19.39 27.98
C LYS C 537 -8.84 19.72 26.90
N TYR C 538 -7.57 19.36 27.11
CA TYR C 538 -6.60 19.48 26.04
C TYR C 538 -6.85 18.44 24.96
N ALA C 539 -7.41 17.29 25.33
CA ALA C 539 -7.79 16.30 24.33
C ALA C 539 -8.92 16.81 23.45
N GLU C 540 -9.85 17.57 24.03
CA GLU C 540 -10.89 18.20 23.23
C GLU C 540 -10.30 19.24 22.28
N ALA C 541 -9.31 20.00 22.74
CA ALA C 541 -8.65 20.97 21.88
C ALA C 541 -7.88 20.27 20.76
N GLN C 542 -7.26 19.13 21.06
CA GLN C 542 -6.59 18.36 20.02
C GLN C 542 -7.59 17.82 19.00
N ALA C 543 -8.76 17.38 19.46
CA ALA C 543 -9.78 16.90 18.54
C ALA C 543 -10.27 18.02 17.63
N TRP C 544 -10.39 19.24 18.17
CA TRP C 544 -10.75 20.39 17.34
C TRP C 544 -9.71 20.59 16.22
N MET C 545 -8.44 20.57 16.58
CA MET C 545 -7.37 20.77 15.61
C MET C 545 -7.44 19.75 14.48
N ILE C 546 -7.59 18.47 14.85
CA ILE C 546 -7.66 17.40 13.85
C ILE C 546 -8.88 17.59 12.96
N ASP C 547 -10.02 17.90 13.56
CA ASP C 547 -11.28 17.97 12.81
C ASP C 547 -11.23 19.09 11.77
N ASN C 548 -10.79 20.29 12.17
CA ASN C 548 -10.80 21.44 11.29
C ASN C 548 -9.68 21.40 10.26
N SER C 549 -8.70 20.52 10.42
CA SER C 549 -7.74 20.16 9.39
C SER C 549 -6.91 21.33 8.89
N LEU C 550 -6.73 22.37 9.70
CA LEU C 550 -5.68 23.34 9.40
C LEU C 550 -4.31 22.69 9.53
N ILE C 551 -4.16 21.78 10.49
CA ILE C 551 -2.96 20.97 10.66
C ILE C 551 -3.34 19.52 10.37
N MET C 552 -2.41 18.79 9.75
CA MET C 552 -2.62 17.38 9.41
C MET C 552 -1.40 16.61 9.91
N SER C 553 -1.50 16.00 11.08
CA SER C 553 -0.39 15.28 11.67
C SER C 553 0.01 14.09 10.80
N ALA C 554 1.30 13.80 10.77
CA ALA C 554 1.82 12.84 9.80
C ALA C 554 2.76 11.81 10.43
N MET C 555 3.86 12.28 11.02
CA MET C 555 4.85 11.34 11.55
CA MET C 555 4.89 11.37 11.51
C MET C 555 5.66 12.03 12.65
N SER C 556 6.50 11.24 13.29
CA SER C 556 7.43 11.71 14.31
C SER C 556 8.86 11.55 13.78
N SER C 557 9.80 12.16 14.48
CA SER C 557 11.19 11.89 14.19
C SER C 557 11.54 10.47 14.64
N GLY C 558 12.77 10.06 14.38
CA GLY C 558 13.12 8.70 14.67
C GLY C 558 12.48 7.75 13.67
N GLY C 559 12.55 6.46 14.00
CA GLY C 559 12.15 5.46 13.03
C GLY C 559 13.03 5.41 11.82
N THR C 560 14.26 5.91 11.93
CA THR C 560 15.21 5.99 10.83
C THR C 560 16.18 4.82 10.89
N ALA C 561 16.78 4.51 9.75
CA ALA C 561 17.72 3.41 9.62
C ALA C 561 19.15 3.96 9.59
N SER C 562 20.07 3.24 10.23
CA SER C 562 21.44 3.73 10.36
C SER C 562 22.39 2.59 10.68
N VAL C 563 23.68 2.88 10.51
CA VAL C 563 24.78 2.05 10.98
C VAL C 563 25.67 2.92 11.88
N THR C 564 25.98 2.43 13.08
CA THR C 564 26.57 3.31 14.09
C THR C 564 27.70 2.63 14.84
N LYS C 565 28.55 3.48 15.44
CA LYS C 565 29.50 3.09 16.47
C LYS C 565 29.12 3.67 17.83
N VAL C 566 27.93 4.26 17.95
CA VAL C 566 27.45 4.78 19.22
C VAL C 566 26.82 3.64 20.01
N THR C 567 27.34 3.38 21.20
CA THR C 567 26.75 2.39 22.08
C THR C 567 25.32 2.80 22.42
N PRO C 568 24.33 1.96 22.16
CA PRO C 568 22.93 2.42 22.25
C PRO C 568 22.49 2.68 23.67
N PHE C 569 21.62 3.69 23.81
CA PHE C 569 20.89 3.96 25.05
C PHE C 569 21.82 4.32 26.20
N THR C 570 22.87 5.07 25.90
CA THR C 570 23.69 5.69 26.92
C THR C 570 23.52 7.20 26.99
N ARG C 571 23.11 7.83 25.90
CA ARG C 571 22.95 9.27 25.86
C ARG C 571 21.75 9.71 26.72
N GLY C 572 21.77 10.97 27.12
CA GLY C 572 20.61 11.54 27.79
C GLY C 572 19.37 11.44 26.92
N TYR C 573 18.23 11.27 27.57
CA TYR C 573 16.99 10.98 26.87
C TYR C 573 15.84 11.72 27.57
N SER C 574 14.91 12.24 26.78
CA SER C 574 13.77 12.95 27.34
C SER C 574 12.68 13.08 26.28
N LEU C 575 11.46 13.31 26.76
CA LEU C 575 10.33 13.61 25.90
C LEU C 575 10.19 15.09 25.61
N VAL C 576 10.85 15.95 26.39
CA VAL C 576 10.75 17.39 26.25
C VAL C 576 12.10 18.02 26.55
N GLY C 577 12.28 19.26 26.14
CA GLY C 577 13.49 19.99 26.41
C GLY C 577 14.59 19.71 25.40
N ILE C 578 15.76 20.29 25.67
CA ILE C 578 16.90 20.21 24.77
C ILE C 578 18.00 19.31 25.30
N LYS C 579 17.82 18.69 26.47
CA LYS C 579 18.88 17.95 27.13
C LYS C 579 18.75 16.44 26.96
N GLY C 580 17.81 15.97 26.15
CA GLY C 580 17.62 14.54 26.02
C GLY C 580 17.40 14.05 24.59
N ASP C 581 18.27 14.48 23.67
CA ASP C 581 18.19 14.05 22.28
C ASP C 581 19.59 13.61 21.82
N GLY C 582 19.67 13.25 20.55
CA GLY C 582 20.92 12.79 19.95
C GLY C 582 21.99 13.85 19.79
N ASN C 583 21.71 15.11 20.12
CA ASN C 583 22.70 16.16 20.08
C ASN C 583 23.42 16.36 21.41
N ASN C 584 23.05 15.59 22.44
CA ASN C 584 23.66 15.69 23.77
C ASN C 584 24.73 14.61 23.87
N TYR C 585 25.99 15.00 23.72
CA TYR C 585 27.11 14.06 23.68
C TYR C 585 27.69 13.76 25.06
N LYS C 586 27.19 14.41 26.12
CA LYS C 586 27.81 14.27 27.44
C LYS C 586 27.86 12.82 27.90
N TYR C 587 26.71 12.13 27.88
CA TYR C 587 26.64 10.75 28.32
C TYR C 587 26.82 9.76 27.18
N MET C 588 26.95 10.24 25.94
CA MET C 588 27.14 9.35 24.80
C MET C 588 28.50 8.68 24.88
N LYS C 589 28.57 7.45 24.37
CA LYS C 589 29.80 6.67 24.39
C LYS C 589 29.96 5.96 23.05
N LEU C 590 31.20 5.88 22.57
CA LEU C 590 31.52 5.24 21.32
C LEU C 590 32.20 3.90 21.57
N GLN C 591 32.08 3.00 20.60
CA GLN C 591 32.77 1.71 20.64
C GLN C 591 33.53 1.51 19.34
N LYS C 592 34.45 0.56 19.37
CA LYS C 592 35.34 0.32 18.23
C LYS C 592 34.65 -0.50 17.15
N ASP C 593 33.94 -1.55 17.55
CA ASP C 593 33.19 -2.37 16.61
C ASP C 593 31.86 -1.69 16.26
N THR C 594 31.43 -1.86 15.02
CA THR C 594 30.14 -1.35 14.60
C THR C 594 29.03 -2.10 15.34
N VAL C 595 27.99 -1.36 15.74
CA VAL C 595 26.91 -1.95 16.51
C VAL C 595 26.17 -2.98 15.66
N THR C 596 25.93 -4.15 16.23
CA THR C 596 25.13 -5.17 15.59
C THR C 596 23.65 -4.94 15.90
N THR C 597 22.80 -5.46 15.01
CA THR C 597 21.37 -5.45 15.28
C THR C 597 21.04 -6.35 16.47
N LYS C 598 21.77 -7.46 16.60
CA LYS C 598 21.68 -8.26 17.82
C LYS C 598 21.89 -7.39 19.06
N GLN C 599 22.99 -6.64 19.11
CA GLN C 599 23.33 -5.87 20.31
C GLN C 599 22.35 -4.73 20.54
N PHE C 600 21.80 -4.15 19.48
CA PHE C 600 20.93 -2.98 19.63
C PHE C 600 19.59 -3.37 20.25
N GLU C 601 18.94 -4.41 19.71
CA GLU C 601 17.63 -4.78 20.21
C GLU C 601 17.70 -5.42 21.58
N GLU C 602 18.82 -6.08 21.91
CA GLU C 602 19.00 -6.57 23.27
C GLU C 602 19.27 -5.42 24.24
N ALA C 603 19.99 -4.39 23.80
CA ALA C 603 20.16 -3.21 24.62
C ALA C 603 18.86 -2.43 24.74
N LYS C 604 17.98 -2.54 23.75
CA LYS C 604 16.72 -1.79 23.79
C LYS C 604 15.74 -2.40 24.80
N SER C 605 15.71 -3.73 24.90
CA SER C 605 14.79 -4.36 25.83
C SER C 605 15.25 -4.18 27.28
N LYS C 606 16.56 -4.29 27.53
CA LYS C 606 17.07 -3.98 28.86
C LYS C 606 16.84 -2.52 29.21
N TRP C 607 16.99 -1.63 28.23
CA TRP C 607 16.68 -0.21 28.46
C TRP C 607 15.20 0.01 28.70
N GLU C 608 14.33 -0.76 28.06
CA GLU C 608 12.90 -0.62 28.28
C GLU C 608 12.52 -1.06 29.70
N GLN C 609 13.08 -2.18 30.16
CA GLN C 609 12.77 -2.65 31.51
C GLN C 609 13.41 -1.75 32.57
N GLU C 610 14.64 -1.29 32.33
CA GLU C 610 15.35 -0.53 33.35
C GLU C 610 14.88 0.92 33.44
N SER C 611 14.40 1.46 32.33
CA SER C 611 13.84 2.83 32.38
C SER C 611 12.55 2.77 33.19
N LYS C 612 11.75 1.71 33.07
CA LYS C 612 10.50 1.57 33.85
C LYS C 612 10.86 1.53 35.33
N LYS C 613 11.89 0.79 35.68
CA LYS C 613 12.29 0.71 37.10
C LYS C 613 12.86 2.05 37.56
N ALA C 614 13.61 2.76 36.71
CA ALA C 614 14.20 4.01 37.14
C ALA C 614 13.18 5.14 37.21
N ILE C 615 12.16 5.13 36.34
CA ILE C 615 11.18 6.20 36.34
C ILE C 615 10.33 6.15 37.61
N GLU C 616 9.89 4.96 38.02
CA GLU C 616 9.08 4.86 39.23
C GLU C 616 9.91 5.15 40.47
N LYS C 617 11.19 4.74 40.46
CA LYS C 617 12.06 5.02 41.60
C LYS C 617 12.30 6.51 41.75
N ALA C 618 12.39 7.24 40.64
CA ALA C 618 12.59 8.68 40.71
C ALA C 618 11.30 9.42 41.05
N GLN C 619 10.17 8.93 40.54
CA GLN C 619 8.89 9.57 40.82
C GLN C 619 8.54 9.51 42.30
N LYS C 620 8.96 8.45 42.99
CA LYS C 620 8.78 8.37 44.43
C LYS C 620 9.89 9.07 45.20
N GLU C 621 11.11 9.07 44.66
CA GLU C 621 12.18 9.84 45.29
C GLU C 621 11.91 11.33 45.22
N ALA C 622 11.22 11.78 44.18
CA ALA C 622 10.90 13.21 44.06
C ALA C 622 10.01 13.69 45.20
N GLU C 623 9.24 12.77 45.80
CA GLU C 623 8.41 13.15 46.94
C GLU C 623 9.25 13.60 48.14
N LYS C 624 10.50 13.17 48.22
CA LYS C 624 11.40 13.62 49.28
C LYS C 624 11.79 15.09 49.14
N HIS C 625 11.49 15.73 48.01
CA HIS C 625 11.88 17.11 47.77
C HIS C 625 10.79 18.11 48.11
N VAL C 626 9.62 17.65 48.57
CA VAL C 626 8.50 18.56 48.84
C VAL C 626 8.70 19.23 50.19
N LYS C 627 8.58 20.55 50.20
CA LYS C 627 8.66 21.39 51.40
C LYS C 627 10.04 21.37 52.07
N PHE D 1 9.44 23.47 20.99
CA PHE D 1 10.16 24.43 20.16
C PHE D 1 10.21 24.00 18.71
N PRO D 2 10.53 24.94 17.80
CA PRO D 2 10.67 24.60 16.39
C PRO D 2 11.69 23.49 16.20
N PRO D 3 11.42 22.56 15.29
CA PRO D 3 12.28 21.39 15.15
C PRO D 3 13.54 21.69 14.36
N GLN D 4 14.43 20.71 14.33
CA GLN D 4 15.64 20.83 13.54
C GLN D 4 15.29 20.80 12.04
N SER D 5 16.23 21.31 11.24
CA SER D 5 16.07 21.60 9.82
C SER D 5 15.39 20.54 8.98
N VAL D 6 14.18 20.82 8.50
CA VAL D 6 13.67 20.23 7.25
C VAL D 6 12.90 21.34 6.53
#